data_7ETG
#
_entry.id   7ETG
#
_cell.length_a   147.750
_cell.length_b   89.691
_cell.length_c   86.299
_cell.angle_alpha   90.000
_cell.angle_beta   122.490
_cell.angle_gamma   90.000
#
_symmetry.space_group_name_H-M   'C 1 2 1'
#
loop_
_entity.id
_entity.type
_entity.pdbx_description
1 polymer '4-hydroxy-2-oxoheptanedioate aldolase'
2 non-polymer 'PYRUVIC ACID'
3 non-polymer 'COBALT (II) ION'
4 non-polymer '4-oxobutanoic acid'
5 non-polymer 'CALCIUM ION'
6 water water
#
_entity_poly.entity_id   1
_entity_poly.type   'polypeptide(L)'
_entity_poly.pdbx_seq_one_letter_code
;MVNTVNYFKQKLKTEQQIGMWVGLADGYCAEIAANVGYDWLLIDGEHAPNDVRSILAQLQSIAAYPSQAVVRPVSGDVPL
IKQLLDIGAQTLLIPMVESAEQAELMVKATRYPPEGIRGVGAALARASRWNNISDYLQTADEQICLLVQVESKKGLDNLD
EILNVDGVDGIFIGPADLSAALGYRGNPGHEFVQNIIVQTIQKIRAAGKAAGILSADEKLAKQYLELGTEFVAVGVDTSL
LMKSMKQLLSKFKNVDGPVSTSPSVY
;
_entity_poly.pdbx_strand_id   A,B,C
#
# COMPACT_ATOMS: atom_id res chain seq x y z
N MET A 1 0.54 24.98 21.14
CA MET A 1 0.95 23.65 21.70
C MET A 1 2.44 23.45 21.38
N VAL A 2 3.15 22.74 22.26
CA VAL A 2 4.56 22.27 22.02
C VAL A 2 4.47 20.86 21.43
N ASN A 3 5.49 20.41 20.68
CA ASN A 3 5.53 19.03 20.12
C ASN A 3 5.37 18.05 21.30
N THR A 4 4.69 16.93 21.06
CA THR A 4 4.58 15.79 22.01
C THR A 4 5.98 15.27 22.30
N VAL A 5 6.39 15.20 23.58
CA VAL A 5 7.75 14.74 23.92
C VAL A 5 7.76 13.23 23.68
N ASN A 6 8.82 12.72 23.05
CA ASN A 6 8.99 11.27 22.81
C ASN A 6 9.74 10.71 24.02
N TYR A 7 8.99 10.25 25.01
CA TYR A 7 9.56 9.72 26.28
C TYR A 7 10.24 8.38 26.01
N PHE A 8 9.79 7.65 25.00
CA PHE A 8 10.46 6.40 24.60
C PHE A 8 11.89 6.73 24.21
N LYS A 9 12.04 7.71 23.33
CA LYS A 9 13.38 8.13 22.85
C LYS A 9 14.27 8.53 24.04
N GLN A 10 13.77 9.36 24.95
CA GLN A 10 14.53 9.83 26.13
C GLN A 10 14.96 8.65 26.99
N LYS A 11 14.04 7.72 27.21
CA LYS A 11 14.28 6.59 28.15
C LYS A 11 15.27 5.56 27.59
N LEU A 12 15.60 5.59 26.29
CA LEU A 12 16.61 4.69 25.69
C LEU A 12 17.96 4.88 26.40
N LYS A 13 18.21 6.03 27.01
CA LYS A 13 19.52 6.30 27.65
C LYS A 13 19.39 6.23 29.16
N THR A 14 18.20 6.02 29.71
CA THR A 14 17.97 6.23 31.15
C THR A 14 17.38 4.99 31.82
N GLU A 15 16.69 4.09 31.11
CA GLU A 15 16.03 2.99 31.80
C GLU A 15 15.76 1.87 30.81
N GLN A 16 15.28 0.74 31.30
CA GLN A 16 14.93 -0.43 30.49
C GLN A 16 13.40 -0.38 30.33
N GLN A 17 12.89 -0.41 29.10
CA GLN A 17 11.46 -0.17 28.82
C GLN A 17 10.81 -1.51 28.47
N ILE A 18 9.71 -1.83 29.15
CA ILE A 18 8.94 -3.09 28.94
C ILE A 18 7.79 -2.86 27.96
N GLY A 19 7.72 -3.69 26.93
CA GLY A 19 6.86 -3.46 25.77
C GLY A 19 5.84 -4.56 25.60
N MET A 20 4.71 -4.23 24.99
CA MET A 20 3.69 -5.23 24.58
C MET A 20 3.48 -5.11 23.07
N TRP A 21 3.48 -6.23 22.35
CA TRP A 21 3.12 -6.25 20.91
C TRP A 21 1.60 -6.12 20.74
N VAL A 22 1.16 -5.21 19.88
CA VAL A 22 -0.27 -4.98 19.60
C VAL A 22 -0.55 -5.38 18.15
N GLY A 23 -1.09 -6.58 17.96
CA GLY A 23 -1.52 -7.04 16.64
C GLY A 23 -3.01 -7.33 16.55
N LEU A 24 -3.83 -6.85 17.49
CA LEU A 24 -5.30 -7.04 17.40
C LEU A 24 -5.90 -6.02 16.44
N ALA A 25 -5.11 -5.05 15.99
CA ALA A 25 -5.34 -4.29 14.74
C ALA A 25 -6.60 -3.43 14.87
N ASP A 26 -6.81 -2.86 16.03
CA ASP A 26 -8.14 -2.29 16.28
C ASP A 26 -7.99 -1.20 17.37
N GLY A 27 -8.64 -0.04 17.24
CA GLY A 27 -8.56 1.05 18.25
C GLY A 27 -9.03 0.66 19.65
N TYR A 28 -10.09 -0.13 19.75
CA TYR A 28 -10.67 -0.62 21.03
C TYR A 28 -9.67 -1.56 21.72
N CYS A 29 -9.12 -2.54 21.01
CA CYS A 29 -8.09 -3.47 21.56
C CYS A 29 -6.81 -2.72 21.96
N ALA A 30 -6.37 -1.72 21.19
CA ALA A 30 -5.18 -0.91 21.53
C ALA A 30 -5.45 -0.15 22.83
N GLU A 31 -6.67 0.37 23.00
CA GLU A 31 -7.03 1.10 24.25
C GLU A 31 -6.93 0.15 25.45
N ILE A 32 -7.38 -1.09 25.34
CA ILE A 32 -7.34 -2.02 26.50
C ILE A 32 -5.87 -2.20 26.87
N ALA A 33 -5.01 -2.43 25.87
CA ALA A 33 -3.56 -2.61 26.07
C ALA A 33 -2.98 -1.36 26.74
N ALA A 34 -3.43 -0.18 26.33
CA ALA A 34 -2.87 1.10 26.83
C ALA A 34 -3.16 1.25 28.33
N ASN A 35 -4.19 0.60 28.85
CA ASN A 35 -4.57 0.74 30.28
C ASN A 35 -3.65 -0.07 31.19
N VAL A 36 -2.81 -0.95 30.66
CA VAL A 36 -2.08 -1.93 31.51
C VAL A 36 -0.88 -1.25 32.19
N GLY A 37 -0.13 -0.42 31.47
CA GLY A 37 1.01 0.34 32.03
C GLY A 37 2.34 -0.10 31.43
N TYR A 38 2.34 -0.73 30.26
CA TYR A 38 3.58 -1.02 29.52
C TYR A 38 4.30 0.30 29.22
N ASP A 39 5.62 0.26 29.20
CA ASP A 39 6.43 1.43 28.80
C ASP A 39 6.11 1.79 27.34
N TRP A 40 6.00 0.77 26.50
CA TRP A 40 5.75 0.94 25.05
C TRP A 40 4.81 -0.12 24.50
N LEU A 41 4.11 0.23 23.42
CA LEU A 41 3.17 -0.63 22.68
C LEU A 41 3.64 -0.59 21.24
N LEU A 42 3.85 -1.77 20.67
CA LEU A 42 4.26 -1.89 19.24
C LEU A 42 2.99 -2.16 18.40
N ILE A 43 2.59 -1.17 17.61
CA ILE A 43 1.45 -1.27 16.67
C ILE A 43 2.02 -1.91 15.41
N ASP A 44 1.68 -3.18 15.18
CA ASP A 44 2.40 -3.99 14.18
C ASP A 44 1.75 -3.84 12.79
N GLY A 45 2.40 -3.05 11.92
CA GLY A 45 1.96 -2.85 10.53
C GLY A 45 2.53 -3.91 9.58
N GLU A 46 3.36 -4.81 10.08
CA GLU A 46 4.08 -5.79 9.26
C GLU A 46 3.34 -7.14 9.34
N HIS A 47 2.94 -7.58 10.53
CA HIS A 47 2.47 -8.99 10.75
C HIS A 47 1.05 -9.00 11.32
N ALA A 48 0.43 -7.85 11.49
CA ALA A 48 -1.02 -7.77 11.83
C ALA A 48 -1.74 -7.03 10.71
N PRO A 49 -3.06 -7.26 10.48
CA PRO A 49 -3.81 -6.67 9.37
C PRO A 49 -4.18 -5.19 9.60
N ASN A 50 -3.15 -4.36 9.58
CA ASN A 50 -3.21 -2.91 9.85
C ASN A 50 -2.99 -2.18 8.53
N ASP A 51 -3.51 -0.97 8.43
CA ASP A 51 -3.15 -0.04 7.33
C ASP A 51 -2.97 1.32 8.01
N VAL A 52 -2.71 2.36 7.25
CA VAL A 52 -2.46 3.70 7.82
C VAL A 52 -3.65 4.12 8.66
N ARG A 53 -4.85 3.91 8.15
CA ARG A 53 -6.06 4.39 8.88
C ARG A 53 -6.25 3.59 10.18
N SER A 54 -6.05 2.27 10.21
CA SER A 54 -6.22 1.50 11.47
C SER A 54 -5.10 1.88 12.46
N ILE A 55 -3.90 2.22 11.96
CA ILE A 55 -2.76 2.64 12.82
C ILE A 55 -3.14 3.98 13.45
N LEU A 56 -3.71 4.90 12.66
CA LEU A 56 -4.13 6.21 13.19
C LEU A 56 -5.12 5.99 14.33
N ALA A 57 -6.14 5.17 14.13
CA ALA A 57 -7.15 4.92 15.18
C ALA A 57 -6.45 4.46 16.47
N GLN A 58 -5.46 3.59 16.35
CA GLN A 58 -4.76 3.03 17.54
C GLN A 58 -3.87 4.08 18.19
N LEU A 59 -3.19 4.92 17.39
CA LEU A 59 -2.47 6.12 17.91
C LEU A 59 -3.45 6.99 18.69
N GLN A 60 -4.66 7.23 18.16
CA GLN A 60 -5.63 8.12 18.87
C GLN A 60 -6.04 7.48 20.22
N SER A 61 -6.25 6.17 20.22
CA SER A 61 -6.70 5.43 21.44
C SER A 61 -5.62 5.56 22.54
N ILE A 62 -4.39 5.25 22.15
CA ILE A 62 -3.19 5.17 23.03
C ILE A 62 -2.75 6.55 23.54
N ALA A 63 -3.05 7.61 22.77
CA ALA A 63 -2.55 8.97 23.05
C ALA A 63 -3.01 9.46 24.44
N ALA A 64 -4.14 9.01 24.96
CA ALA A 64 -4.67 9.49 26.25
C ALA A 64 -3.91 8.83 27.40
N TYR A 65 -2.98 7.91 27.13
CA TYR A 65 -2.35 7.07 28.16
C TYR A 65 -0.85 7.27 28.15
N PRO A 66 -0.14 7.01 29.27
CA PRO A 66 1.31 7.18 29.31
C PRO A 66 2.12 6.22 28.43
N SER A 67 1.60 5.05 28.07
CA SER A 67 2.33 4.09 27.19
C SER A 67 2.72 4.81 25.91
N GLN A 68 3.98 4.65 25.49
CA GLN A 68 4.51 5.26 24.24
C GLN A 68 4.23 4.33 23.06
N ALA A 69 3.72 4.88 21.95
CA ALA A 69 3.49 4.09 20.72
C ALA A 69 4.75 4.06 19.85
N VAL A 70 5.03 2.87 19.35
CA VAL A 70 6.06 2.54 18.35
C VAL A 70 5.32 1.86 17.21
N VAL A 71 5.57 2.28 15.98
CA VAL A 71 4.84 1.70 14.82
C VAL A 71 5.84 0.93 13.98
N ARG A 72 5.52 -0.31 13.61
CA ARG A 72 6.31 -1.08 12.65
C ARG A 72 5.62 -1.05 11.29
N PRO A 73 6.19 -0.40 10.29
CA PRO A 73 5.64 -0.51 8.92
C PRO A 73 5.94 -1.87 8.29
N VAL A 74 5.19 -2.24 7.23
CA VAL A 74 5.33 -3.58 6.59
C VAL A 74 6.74 -3.75 6.02
N SER A 75 7.43 -2.66 5.63
CA SER A 75 8.80 -2.67 5.05
C SER A 75 9.34 -1.25 5.12
N GLY A 76 10.62 -1.09 4.86
CA GLY A 76 11.25 0.25 4.89
C GLY A 76 10.94 1.00 3.61
N ASP A 77 9.65 1.25 3.39
CA ASP A 77 9.11 1.93 2.21
C ASP A 77 9.07 3.43 2.54
N VAL A 78 9.76 4.27 1.78
CA VAL A 78 9.93 5.71 2.16
C VAL A 78 8.58 6.42 2.13
N PRO A 79 7.70 6.27 1.10
CA PRO A 79 6.38 6.91 1.11
C PRO A 79 5.51 6.46 2.28
N LEU A 80 5.59 5.21 2.70
CA LEU A 80 4.75 4.72 3.86
C LEU A 80 5.27 5.33 5.15
N ILE A 81 6.59 5.44 5.27
CA ILE A 81 7.22 6.06 6.45
C ILE A 81 6.69 7.49 6.51
N LYS A 82 6.69 8.20 5.38
CA LYS A 82 6.13 9.57 5.33
C LYS A 82 4.70 9.57 5.90
N GLN A 83 3.86 8.65 5.44
CA GLN A 83 2.44 8.59 5.88
C GLN A 83 2.35 8.37 7.39
N LEU A 84 3.18 7.49 7.93
CA LEU A 84 3.07 7.06 9.35
C LEU A 84 3.57 8.21 10.21
N LEU A 85 4.63 8.91 9.79
CA LEU A 85 5.09 10.10 10.55
C LEU A 85 4.01 11.20 10.53
N ASP A 86 3.31 11.37 9.44
CA ASP A 86 2.33 12.49 9.35
C ASP A 86 1.10 12.19 10.21
N ILE A 87 0.75 10.92 10.42
CA ILE A 87 -0.40 10.61 11.30
C ILE A 87 0.06 10.70 12.76
N GLY A 88 1.35 10.89 12.99
CA GLY A 88 1.85 11.28 14.32
C GLY A 88 2.66 10.20 15.04
N ALA A 89 2.99 9.08 14.38
CA ALA A 89 3.93 8.06 14.92
C ALA A 89 5.31 8.70 15.13
N GLN A 90 5.79 8.77 16.37
CA GLN A 90 7.11 9.41 16.65
C GLN A 90 8.26 8.41 16.72
N THR A 91 7.93 7.14 16.83
CA THR A 91 8.94 6.05 16.88
C THR A 91 8.57 5.00 15.86
N LEU A 92 9.53 4.66 15.02
CA LEU A 92 9.32 3.64 13.98
C LEU A 92 10.33 2.51 14.16
N LEU A 93 9.85 1.29 13.93
CA LEU A 93 10.65 0.05 13.93
C LEU A 93 10.60 -0.52 12.49
N ILE A 94 11.72 -0.42 11.78
CA ILE A 94 11.82 -0.85 10.36
C ILE A 94 12.28 -2.30 10.33
N PRO A 95 11.49 -3.23 9.73
CA PRO A 95 11.90 -4.61 9.61
C PRO A 95 12.98 -4.84 8.57
N MET A 96 13.80 -5.84 8.84
CA MET A 96 14.66 -6.54 7.84
C MET A 96 15.64 -5.52 7.25
N VAL A 97 16.29 -4.72 8.09
CA VAL A 97 17.33 -3.78 7.59
C VAL A 97 18.62 -4.56 7.44
N GLU A 98 19.27 -4.43 6.28
CA GLU A 98 20.37 -5.34 5.88
C GLU A 98 21.64 -4.61 5.43
N SER A 99 21.72 -3.30 5.50
CA SER A 99 22.95 -2.58 5.12
C SER A 99 22.94 -1.18 5.72
N ALA A 100 24.11 -0.57 5.83
CA ALA A 100 24.29 0.82 6.30
C ALA A 100 23.57 1.74 5.32
N GLU A 101 23.62 1.40 4.04
CA GLU A 101 23.01 2.18 2.93
C GLU A 101 21.50 2.23 3.18
N GLN A 102 20.89 1.07 3.48
CA GLN A 102 19.45 1.01 3.76
C GLN A 102 19.16 1.77 5.06
N ALA A 103 19.96 1.58 6.12
CA ALA A 103 19.75 2.27 7.39
C ALA A 103 19.86 3.79 7.19
N GLU A 104 20.83 4.24 6.40
CA GLU A 104 20.97 5.69 6.10
C GLU A 104 19.71 6.21 5.37
N LEU A 105 19.15 5.44 4.45
CA LEU A 105 17.93 5.84 3.70
C LEU A 105 16.75 6.00 4.69
N MET A 106 16.65 5.10 5.68
CA MET A 106 15.61 5.13 6.74
C MET A 106 15.80 6.39 7.60
N VAL A 107 17.03 6.79 7.91
CA VAL A 107 17.29 8.05 8.65
C VAL A 107 16.74 9.22 7.86
N LYS A 108 17.11 9.32 6.59
CA LYS A 108 16.66 10.40 5.68
C LYS A 108 15.14 10.40 5.55
N ALA A 109 14.53 9.23 5.40
CA ALA A 109 13.06 9.05 5.30
C ALA A 109 12.39 9.73 6.50
N THR A 110 13.07 9.86 7.65
CA THR A 110 12.48 10.42 8.89
C THR A 110 12.81 11.91 9.08
N ARG A 111 13.61 12.53 8.22
CA ARG A 111 14.04 13.96 8.36
C ARG A 111 13.62 14.81 7.16
N TYR A 112 13.16 15.99 7.45
CA TYR A 112 12.74 16.97 6.42
C TYR A 112 13.96 17.38 5.59
N PRO A 113 13.74 17.75 4.32
CA PRO A 113 14.79 18.39 3.56
C PRO A 113 15.13 19.68 4.29
N PRO A 114 16.35 20.23 4.07
CA PRO A 114 17.30 19.70 3.09
C PRO A 114 18.14 18.50 3.54
N GLU A 115 18.17 18.20 4.85
CA GLU A 115 18.96 17.07 5.42
C GLU A 115 18.37 15.69 5.03
N GLY A 116 17.05 15.57 4.96
CA GLY A 116 16.37 14.29 4.67
C GLY A 116 15.46 14.37 3.47
N ILE A 117 14.55 13.38 3.36
CA ILE A 117 13.63 13.21 2.20
C ILE A 117 12.21 12.99 2.68
N ARG A 118 11.92 13.24 3.96
CA ARG A 118 10.53 13.25 4.47
C ARG A 118 9.73 14.34 3.72
N GLY A 119 8.60 13.93 3.14
CA GLY A 119 7.72 14.87 2.43
C GLY A 119 7.08 15.85 3.40
N VAL A 120 6.92 17.09 2.98
CA VAL A 120 6.48 18.20 3.85
C VAL A 120 5.00 18.41 3.62
N GLY A 121 4.16 18.19 4.64
CA GLY A 121 2.71 18.44 4.56
C GLY A 121 2.11 18.67 5.93
N ALA A 122 2.66 19.62 6.67
CA ALA A 122 2.35 19.91 8.09
C ALA A 122 0.90 20.38 8.28
N ALA A 123 0.32 21.09 7.32
CA ALA A 123 -1.04 21.67 7.44
C ALA A 123 -2.04 20.52 7.61
N LEU A 124 -1.75 19.37 7.00
CA LEU A 124 -2.69 18.22 6.92
C LEU A 124 -2.39 17.18 8.00
N ALA A 125 -1.28 17.32 8.73
CA ALA A 125 -0.77 16.21 9.56
C ALA A 125 -1.33 16.32 10.99
N ARG A 126 -1.80 15.19 11.52
CA ARG A 126 -1.95 15.02 12.98
C ARG A 126 -0.60 15.23 13.67
N ALA A 127 0.54 14.94 13.01
CA ALA A 127 1.89 15.09 13.63
C ALA A 127 2.12 16.52 14.14
N SER A 128 1.65 17.54 13.40
CA SER A 128 1.80 18.97 13.73
C SER A 128 0.56 19.47 14.45
N ARG A 129 -0.39 18.55 14.71
CA ARG A 129 -1.78 18.85 15.10
C ARG A 129 -2.36 19.91 14.16
N TRP A 130 -2.20 19.75 12.85
CA TRP A 130 -2.76 20.62 11.78
C TRP A 130 -2.22 22.04 11.99
N ASN A 131 -0.91 22.13 12.28
CA ASN A 131 -0.13 23.36 12.55
C ASN A 131 -0.48 24.02 13.88
N ASN A 132 -1.23 23.34 14.74
CA ASN A 132 -1.48 23.86 16.11
C ASN A 132 -0.20 23.76 16.93
N ILE A 133 0.76 22.92 16.53
CA ILE A 133 2.16 22.95 17.05
C ILE A 133 2.95 23.88 16.13
N SER A 134 3.17 25.13 16.54
CA SER A 134 3.42 26.27 15.60
C SER A 134 4.82 26.18 14.98
N ASP A 135 5.79 25.53 15.63
CA ASP A 135 7.20 25.48 15.15
C ASP A 135 7.54 24.04 14.69
N TYR A 136 6.52 23.27 14.33
CA TYR A 136 6.66 21.79 14.13
C TYR A 136 7.80 21.54 13.14
N LEU A 137 7.80 22.25 12.01
CA LEU A 137 8.78 21.99 10.92
C LEU A 137 10.21 22.24 11.41
N GLN A 138 10.42 23.08 12.41
CA GLN A 138 11.77 23.36 12.97
C GLN A 138 12.17 22.31 14.04
N THR A 139 11.24 21.74 14.80
CA THR A 139 11.50 20.93 16.02
C THR A 139 11.21 19.44 15.83
N ALA A 140 10.54 19.05 14.74
CA ALA A 140 9.96 17.68 14.59
C ALA A 140 11.02 16.61 14.81
N ASP A 141 12.17 16.68 14.14
CA ASP A 141 13.16 15.57 14.23
C ASP A 141 13.62 15.35 15.67
N GLU A 142 13.63 16.36 16.53
CA GLU A 142 14.05 16.21 17.94
C GLU A 142 13.27 15.08 18.62
N GLN A 143 12.00 14.85 18.28
CA GLN A 143 11.13 13.88 18.98
C GLN A 143 10.87 12.64 18.11
N ILE A 144 11.58 12.48 17.00
CA ILE A 144 11.45 11.28 16.11
C ILE A 144 12.56 10.29 16.52
N CYS A 145 12.19 9.04 16.67
CA CYS A 145 13.10 7.95 17.07
C CYS A 145 13.07 6.86 15.99
N LEU A 146 14.22 6.56 15.40
CA LEU A 146 14.35 5.48 14.39
C LEU A 146 14.99 4.22 14.98
N LEU A 147 14.27 3.10 14.89
CA LEU A 147 14.80 1.79 15.30
C LEU A 147 14.89 0.95 14.03
N VAL A 148 15.92 0.13 13.89
CA VAL A 148 15.98 -0.83 12.75
C VAL A 148 16.08 -2.24 13.27
N GLN A 149 15.53 -3.19 12.53
CA GLN A 149 15.61 -4.60 12.90
C GLN A 149 16.78 -5.26 12.16
N VAL A 150 17.63 -5.93 12.92
CA VAL A 150 18.59 -6.95 12.39
C VAL A 150 18.04 -8.35 12.67
N GLU A 151 17.69 -9.06 11.60
CA GLU A 151 16.93 -10.33 11.71
C GLU A 151 17.15 -11.21 10.46
N SER A 152 18.33 -11.10 9.86
CA SER A 152 18.75 -11.92 8.70
C SER A 152 20.26 -12.05 8.75
N LYS A 153 20.82 -12.99 8.00
CA LYS A 153 22.29 -13.18 7.89
C LYS A 153 22.90 -11.93 7.28
N LYS A 154 22.28 -11.36 6.25
CA LYS A 154 22.83 -10.12 5.64
C LYS A 154 22.84 -9.00 6.69
N GLY A 155 21.79 -8.87 7.48
CA GLY A 155 21.81 -7.94 8.63
C GLY A 155 23.03 -8.14 9.50
N LEU A 156 23.26 -9.37 9.98
CA LEU A 156 24.41 -9.65 10.87
C LEU A 156 25.72 -9.38 10.11
N ASP A 157 25.73 -9.61 8.79
CA ASP A 157 26.93 -9.41 7.94
C ASP A 157 27.23 -7.93 7.77
N ASN A 158 26.28 -7.05 8.14
CA ASN A 158 26.43 -5.58 7.99
C ASN A 158 26.26 -4.92 9.35
N LEU A 159 26.35 -5.67 10.44
CA LEU A 159 26.00 -5.16 11.79
C LEU A 159 26.89 -3.97 12.16
N ASP A 160 28.21 -4.11 12.05
CA ASP A 160 29.15 -3.03 12.48
C ASP A 160 28.86 -1.76 11.67
N GLU A 161 28.57 -1.90 10.39
CA GLU A 161 28.32 -0.77 9.46
C GLU A 161 27.00 -0.07 9.84
N ILE A 162 25.92 -0.81 10.06
CA ILE A 162 24.61 -0.24 10.53
C ILE A 162 24.83 0.51 11.86
N LEU A 163 25.63 -0.05 12.77
CA LEU A 163 25.85 0.52 14.11
C LEU A 163 26.64 1.83 14.00
N ASN A 164 27.26 2.14 12.84
CA ASN A 164 27.97 3.44 12.66
C ASN A 164 27.08 4.46 11.96
N VAL A 165 25.78 4.19 11.78
CA VAL A 165 24.88 5.14 11.05
C VAL A 165 24.30 6.09 12.10
N ASP A 166 24.67 7.36 12.00
CA ASP A 166 24.11 8.44 12.85
C ASP A 166 22.63 8.58 12.52
N GLY A 167 21.82 8.61 13.56
CA GLY A 167 20.36 8.76 13.45
C GLY A 167 19.65 7.43 13.60
N VAL A 168 20.34 6.30 13.57
CA VAL A 168 19.75 5.01 14.05
C VAL A 168 19.83 5.02 15.58
N ASP A 169 18.72 5.15 16.30
CA ASP A 169 18.73 5.22 17.78
C ASP A 169 18.84 3.83 18.40
N GLY A 170 18.35 2.79 17.71
CA GLY A 170 18.24 1.45 18.30
C GLY A 170 18.21 0.38 17.24
N ILE A 171 18.76 -0.77 17.59
CA ILE A 171 18.71 -1.98 16.74
C ILE A 171 17.95 -3.04 17.53
N PHE A 172 16.87 -3.53 16.92
CA PHE A 172 15.98 -4.52 17.50
C PHE A 172 16.29 -5.86 16.83
N ILE A 173 16.47 -6.89 17.64
CA ILE A 173 16.74 -8.27 17.14
C ILE A 173 15.39 -9.00 17.01
N GLY A 174 15.12 -9.58 15.84
CA GLY A 174 13.90 -10.36 15.56
C GLY A 174 14.18 -11.85 15.67
N PRO A 175 13.91 -12.53 16.82
CA PRO A 175 14.33 -13.94 16.96
C PRO A 175 13.61 -14.87 15.97
N ALA A 176 12.36 -14.60 15.60
CA ALA A 176 11.62 -15.50 14.68
C ALA A 176 12.28 -15.42 13.31
N ASP A 177 12.43 -14.22 12.76
CA ASP A 177 13.02 -14.07 11.42
C ASP A 177 14.49 -14.55 11.47
N LEU A 178 15.22 -14.25 12.55
CA LEU A 178 16.68 -14.55 12.59
C LEU A 178 16.89 -16.08 12.68
N SER A 179 16.20 -16.73 13.60
CA SER A 179 16.26 -18.21 13.80
C SER A 179 15.91 -18.90 12.47
N ALA A 180 14.88 -18.44 11.75
CA ALA A 180 14.56 -18.98 10.40
C ALA A 180 15.75 -18.77 9.46
N ALA A 181 16.32 -17.56 9.42
CA ALA A 181 17.47 -17.22 8.52
C ALA A 181 18.65 -18.14 8.83
N LEU A 182 18.80 -18.55 10.08
CA LEU A 182 19.93 -19.39 10.52
C LEU A 182 19.64 -20.89 10.33
N GLY A 183 18.49 -21.29 9.75
CA GLY A 183 18.09 -22.69 9.54
C GLY A 183 17.56 -23.34 10.80
N TYR A 184 17.09 -22.54 11.76
CA TYR A 184 16.52 -23.00 13.05
C TYR A 184 15.09 -22.46 13.16
N ARG A 185 14.35 -22.57 12.06
CA ARG A 185 12.99 -21.98 12.01
C ARG A 185 12.09 -22.62 13.06
N GLY A 186 11.44 -21.79 13.87
CA GLY A 186 10.58 -22.22 14.98
C GLY A 186 11.36 -22.64 16.22
N ASN A 187 12.68 -22.46 16.22
CA ASN A 187 13.58 -22.94 17.31
C ASN A 187 14.60 -21.87 17.70
N PRO A 188 14.15 -20.64 18.02
CA PRO A 188 15.08 -19.59 18.44
C PRO A 188 15.80 -19.89 19.77
N GLY A 189 15.21 -20.72 20.63
CA GLY A 189 15.79 -21.11 21.92
C GLY A 189 17.07 -21.93 21.77
N HIS A 190 17.39 -22.44 20.57
CA HIS A 190 18.67 -23.18 20.32
C HIS A 190 19.90 -22.33 20.69
N GLU A 191 20.88 -22.97 21.32
CA GLU A 191 22.15 -22.34 21.77
C GLU A 191 22.85 -21.61 20.62
N PHE A 192 22.88 -22.18 19.43
CA PHE A 192 23.54 -21.56 18.25
C PHE A 192 22.93 -20.16 18.02
N VAL A 193 21.60 -20.08 18.05
CA VAL A 193 20.86 -18.80 17.86
C VAL A 193 21.07 -17.89 19.06
N GLN A 194 20.94 -18.41 20.27
CA GLN A 194 21.03 -17.57 21.50
C GLN A 194 22.43 -16.93 21.60
N ASN A 195 23.50 -17.68 21.25
CA ASN A 195 24.87 -17.13 21.38
C ASN A 195 24.99 -15.95 20.42
N ILE A 196 24.46 -16.07 19.21
CA ILE A 196 24.50 -14.97 18.20
C ILE A 196 23.70 -13.78 18.75
N ILE A 197 22.53 -14.04 19.36
CA ILE A 197 21.68 -12.95 19.89
C ILE A 197 22.45 -12.21 20.98
N VAL A 198 23.06 -12.95 21.91
CA VAL A 198 23.76 -12.32 23.06
C VAL A 198 24.93 -11.48 22.53
N GLN A 199 25.73 -12.00 21.61
CA GLN A 199 26.90 -11.26 21.08
C GLN A 199 26.39 -9.99 20.37
N THR A 200 25.29 -10.09 19.62
CA THR A 200 24.69 -8.96 18.87
C THR A 200 24.25 -7.88 19.85
N ILE A 201 23.61 -8.26 20.96
CA ILE A 201 23.14 -7.29 21.98
C ILE A 201 24.40 -6.57 22.52
N GLN A 202 25.43 -7.32 22.91
CA GLN A 202 26.71 -6.75 23.45
C GLN A 202 27.31 -5.77 22.44
N LYS A 203 27.32 -6.10 21.14
CA LYS A 203 27.93 -5.22 20.09
C LYS A 203 27.08 -3.96 19.91
N ILE A 204 25.74 -4.10 19.91
CA ILE A 204 24.83 -2.92 19.82
C ILE A 204 25.15 -1.96 20.98
N ARG A 205 25.17 -2.45 22.20
CA ARG A 205 25.40 -1.57 23.37
C ARG A 205 26.84 -1.02 23.34
N ALA A 206 27.84 -1.75 22.85
CA ALA A 206 29.24 -1.29 22.82
C ALA A 206 29.37 -0.12 21.83
N ALA A 207 28.54 -0.10 20.79
CA ALA A 207 28.53 1.01 19.82
C ALA A 207 27.69 2.18 20.34
N GLY A 208 27.17 2.12 21.58
CA GLY A 208 26.43 3.26 22.15
C GLY A 208 25.02 3.40 21.57
N LYS A 209 24.47 2.33 20.96
CA LYS A 209 23.05 2.33 20.49
C LYS A 209 22.19 1.53 21.47
N ALA A 210 20.90 1.79 21.47
CA ALA A 210 19.92 0.97 22.25
C ALA A 210 19.70 -0.40 21.57
N ALA A 211 19.70 -1.46 22.37
CA ALA A 211 19.42 -2.84 21.92
C ALA A 211 17.97 -3.15 22.32
N GLY A 212 17.26 -3.82 21.44
CA GLY A 212 15.88 -4.27 21.70
C GLY A 212 15.64 -5.68 21.22
N ILE A 213 14.54 -6.28 21.70
CA ILE A 213 14.16 -7.66 21.39
C ILE A 213 12.74 -7.92 21.88
N LEU A 214 12.12 -8.93 21.29
CA LEU A 214 10.83 -9.52 21.71
C LEU A 214 11.11 -10.96 22.14
N SER A 215 10.70 -11.34 23.33
CA SER A 215 10.54 -12.77 23.69
C SER A 215 9.34 -12.92 24.64
N ALA A 216 8.43 -13.78 24.24
CA ALA A 216 7.30 -14.25 25.06
C ALA A 216 7.79 -15.29 26.07
N ASP A 217 9.04 -15.75 25.99
CA ASP A 217 9.66 -16.61 27.03
C ASP A 217 10.16 -15.75 28.19
N GLU A 218 9.55 -15.89 29.37
CA GLU A 218 9.89 -15.06 30.54
C GLU A 218 11.36 -15.20 30.91
N LYS A 219 11.89 -16.42 30.90
CA LYS A 219 13.30 -16.64 31.31
C LYS A 219 14.20 -15.91 30.32
N LEU A 220 13.95 -16.05 29.02
CA LEU A 220 14.76 -15.37 27.98
C LEU A 220 14.66 -13.84 28.14
N ALA A 221 13.45 -13.29 28.28
CA ALA A 221 13.25 -11.82 28.43
C ALA A 221 14.02 -11.31 29.65
N LYS A 222 13.98 -12.03 30.78
CA LYS A 222 14.74 -11.65 32.01
C LYS A 222 16.26 -11.68 31.78
N GLN A 223 16.76 -12.68 31.07
CA GLN A 223 18.19 -12.75 30.70
C GLN A 223 18.53 -11.54 29.84
N TYR A 224 17.68 -11.18 28.85
CA TYR A 224 17.97 -10.02 27.97
C TYR A 224 18.01 -8.76 28.83
N LEU A 225 17.05 -8.63 29.76
CA LEU A 225 17.08 -7.50 30.71
C LEU A 225 18.38 -7.51 31.54
N GLU A 226 18.86 -8.68 31.96
CA GLU A 226 20.10 -8.75 32.78
C GLU A 226 21.30 -8.30 31.93
N LEU A 227 21.29 -8.57 30.62
CA LEU A 227 22.37 -8.10 29.72
C LEU A 227 22.35 -6.59 29.50
N GLY A 228 21.28 -5.90 29.89
CA GLY A 228 21.18 -4.43 29.81
C GLY A 228 20.37 -3.99 28.59
N THR A 229 19.69 -4.93 27.94
CA THR A 229 18.87 -4.61 26.72
C THR A 229 17.87 -3.50 27.05
N GLU A 230 17.86 -2.43 26.26
CA GLU A 230 17.15 -1.18 26.63
C GLU A 230 15.62 -1.32 26.41
N PHE A 231 15.16 -2.00 25.36
CA PHE A 231 13.70 -2.10 25.02
C PHE A 231 13.37 -3.56 24.71
N VAL A 232 12.64 -4.17 25.64
CA VAL A 232 12.26 -5.60 25.61
C VAL A 232 10.74 -5.71 25.60
N ALA A 233 10.19 -6.23 24.52
CA ALA A 233 8.76 -6.62 24.46
C ALA A 233 8.67 -8.02 25.05
N VAL A 234 7.68 -8.28 25.89
CA VAL A 234 7.61 -9.51 26.75
C VAL A 234 6.39 -10.35 26.40
N GLY A 235 5.62 -9.91 25.41
CA GLY A 235 4.39 -10.62 25.04
C GLY A 235 3.68 -9.97 23.86
N VAL A 236 2.63 -10.62 23.41
CA VAL A 236 1.87 -10.30 22.18
C VAL A 236 0.38 -10.40 22.55
N ASP A 237 -0.42 -9.42 22.19
CA ASP A 237 -1.84 -9.37 22.58
C ASP A 237 -2.59 -10.57 21.97
N THR A 238 -2.40 -10.93 20.68
CA THR A 238 -3.12 -12.09 20.11
C THR A 238 -2.79 -13.36 20.90
N SER A 239 -1.50 -13.59 21.17
CA SER A 239 -0.98 -14.79 21.92
C SER A 239 -1.62 -14.84 23.31
N LEU A 240 -1.63 -13.73 24.03
CA LEU A 240 -2.18 -13.70 25.42
C LEU A 240 -3.70 -13.92 25.37
N LEU A 241 -4.40 -13.38 24.37
CA LEU A 241 -5.87 -13.62 24.26
C LEU A 241 -6.11 -15.11 24.05
N MET A 242 -5.45 -15.72 23.07
CA MET A 242 -5.67 -17.13 22.70
C MET A 242 -5.28 -18.01 23.91
N LYS A 243 -4.10 -17.80 24.49
CA LYS A 243 -3.63 -18.67 25.61
C LYS A 243 -4.60 -18.54 26.79
N SER A 244 -4.99 -17.33 27.17
CA SER A 244 -5.82 -17.15 28.38
C SER A 244 -7.17 -17.84 28.14
N MET A 245 -7.71 -17.79 26.92
CA MET A 245 -9.01 -18.42 26.63
C MET A 245 -8.85 -19.94 26.60
N LYS A 246 -7.72 -20.47 26.09
CA LYS A 246 -7.48 -21.94 26.07
C LYS A 246 -7.30 -22.45 27.50
N GLN A 247 -6.53 -21.72 28.33
CA GLN A 247 -6.20 -22.13 29.71
C GLN A 247 -7.49 -22.18 30.54
N LEU A 248 -8.37 -21.20 30.35
CA LEU A 248 -9.68 -21.15 31.03
C LEU A 248 -10.53 -22.36 30.61
N LEU A 249 -10.64 -22.66 29.30
CA LEU A 249 -11.54 -23.73 28.85
C LEU A 249 -11.06 -25.06 29.44
N SER A 250 -9.75 -25.27 29.49
CA SER A 250 -9.13 -26.54 29.97
C SER A 250 -9.50 -26.82 31.43
N LYS A 251 -9.91 -25.83 32.22
CA LYS A 251 -10.36 -26.04 33.62
C LYS A 251 -11.74 -26.70 33.65
N PHE A 252 -12.45 -26.70 32.53
CA PHE A 252 -13.80 -27.28 32.39
C PHE A 252 -13.90 -28.29 31.26
N LYS A 253 -12.87 -28.45 30.41
CA LYS A 253 -12.89 -29.04 29.03
C LYS A 253 -14.34 -29.16 28.53
N MET B 1 -4.96 -27.94 16.28
CA MET B 1 -5.57 -27.89 14.92
C MET B 1 -4.49 -28.28 13.90
N VAL B 2 -4.89 -28.95 12.81
CA VAL B 2 -3.99 -29.20 11.64
C VAL B 2 -4.18 -28.05 10.65
N ASN B 3 -3.17 -27.75 9.81
CA ASN B 3 -3.24 -26.68 8.78
C ASN B 3 -4.47 -26.96 7.91
N THR B 4 -5.13 -25.91 7.45
CA THR B 4 -6.26 -25.98 6.48
C THR B 4 -5.74 -26.62 5.18
N VAL B 5 -6.36 -27.70 4.70
CA VAL B 5 -5.88 -28.37 3.47
C VAL B 5 -6.20 -27.43 2.31
N ASN B 6 -5.27 -27.22 1.39
CA ASN B 6 -5.52 -26.43 0.16
C ASN B 6 -6.03 -27.41 -0.90
N TYR B 7 -7.35 -27.55 -0.98
CA TYR B 7 -8.02 -28.48 -1.92
C TYR B 7 -7.87 -27.93 -3.34
N PHE B 8 -7.77 -26.61 -3.49
CA PHE B 8 -7.48 -26.01 -4.81
C PHE B 8 -6.16 -26.56 -5.35
N LYS B 9 -5.10 -26.43 -4.57
CA LYS B 9 -3.77 -26.97 -4.96
C LYS B 9 -3.90 -28.47 -5.30
N GLN B 10 -4.54 -29.27 -4.48
CA GLN B 10 -4.64 -30.74 -4.72
C GLN B 10 -5.39 -31.00 -6.03
N LYS B 11 -6.47 -30.25 -6.27
CA LYS B 11 -7.33 -30.49 -7.44
C LYS B 11 -6.67 -30.06 -8.76
N LEU B 12 -5.57 -29.32 -8.74
CA LEU B 12 -4.85 -28.88 -9.97
C LEU B 12 -4.40 -30.12 -10.74
N LYS B 13 -4.21 -31.27 -10.08
CA LYS B 13 -3.68 -32.50 -10.75
C LYS B 13 -4.80 -33.54 -10.89
N THR B 14 -6.02 -33.26 -10.43
CA THR B 14 -7.09 -34.27 -10.37
C THR B 14 -8.38 -33.83 -11.07
N GLU B 15 -8.67 -32.55 -11.26
CA GLU B 15 -9.94 -32.18 -11.92
C GLU B 15 -9.86 -30.77 -12.51
N GLN B 16 -10.89 -30.37 -13.21
CA GLN B 16 -11.00 -29.01 -13.78
C GLN B 16 -11.85 -28.22 -12.79
N GLN B 17 -11.40 -27.04 -12.36
CA GLN B 17 -12.05 -26.27 -11.27
C GLN B 17 -12.70 -25.04 -11.90
N ILE B 18 -13.97 -24.80 -11.61
CA ILE B 18 -14.79 -23.68 -12.14
C ILE B 18 -14.79 -22.52 -11.13
N GLY B 19 -14.44 -21.32 -11.59
CA GLY B 19 -14.13 -20.17 -10.73
C GLY B 19 -15.06 -19.01 -10.96
N MET B 20 -15.28 -18.22 -9.91
CA MET B 20 -16.03 -16.94 -10.01
C MET B 20 -15.09 -15.83 -9.57
N TRP B 21 -15.06 -14.73 -10.32
CA TRP B 21 -14.28 -13.52 -9.95
C TRP B 21 -15.09 -12.74 -8.93
N VAL B 22 -14.47 -12.36 -7.82
CA VAL B 22 -15.16 -11.60 -6.75
C VAL B 22 -14.51 -10.21 -6.72
N GLY B 23 -15.17 -9.23 -7.33
CA GLY B 23 -14.70 -7.84 -7.25
C GLY B 23 -15.68 -6.93 -6.54
N LEU B 24 -16.68 -7.43 -5.81
CA LEU B 24 -17.63 -6.54 -5.07
C LEU B 24 -17.02 -6.07 -3.77
N ALA B 25 -15.86 -6.61 -3.37
CA ALA B 25 -14.90 -5.97 -2.43
C ALA B 25 -15.50 -5.88 -1.04
N ASP B 26 -16.22 -6.91 -0.65
CA ASP B 26 -17.07 -6.76 0.54
C ASP B 26 -17.31 -8.17 1.16
N GLY B 27 -17.20 -8.34 2.49
CA GLY B 27 -17.45 -9.65 3.17
C GLY B 27 -18.84 -10.23 2.91
N TYR B 28 -19.87 -9.39 2.87
CA TYR B 28 -21.28 -9.81 2.65
C TYR B 28 -21.44 -10.32 1.22
N CYS B 29 -20.99 -9.57 0.21
CA CYS B 29 -21.00 -10.01 -1.22
C CYS B 29 -20.18 -11.29 -1.44
N ALA B 30 -19.02 -11.43 -0.79
CA ALA B 30 -18.18 -12.65 -0.90
C ALA B 30 -18.95 -13.85 -0.34
N GLU B 31 -19.68 -13.64 0.76
CA GLU B 31 -20.49 -14.72 1.38
C GLU B 31 -21.56 -15.17 0.37
N ILE B 32 -22.25 -14.27 -0.31
CA ILE B 32 -23.32 -14.66 -1.28
C ILE B 32 -22.66 -15.56 -2.34
N ALA B 33 -21.53 -15.12 -2.88
CA ALA B 33 -20.79 -15.87 -3.90
C ALA B 33 -20.42 -17.27 -3.36
N ALA B 34 -20.01 -17.35 -2.09
CA ALA B 34 -19.54 -18.61 -1.46
C ALA B 34 -20.67 -19.64 -1.41
N ASN B 35 -21.94 -19.19 -1.38
CA ASN B 35 -23.10 -20.10 -1.26
C ASN B 35 -23.40 -20.78 -2.58
N VAL B 36 -22.79 -20.38 -3.69
CA VAL B 36 -23.23 -20.85 -5.03
C VAL B 36 -22.67 -22.26 -5.29
N GLY B 37 -21.41 -22.53 -4.94
CA GLY B 37 -20.76 -23.84 -5.12
C GLY B 37 -19.66 -23.83 -6.18
N TYR B 38 -19.12 -22.66 -6.53
CA TYR B 38 -17.91 -22.57 -7.40
C TYR B 38 -16.79 -23.34 -6.71
N ASP B 39 -15.92 -23.95 -7.52
CA ASP B 39 -14.72 -24.64 -6.99
C ASP B 39 -13.80 -23.60 -6.32
N TRP B 40 -13.71 -22.40 -6.92
CA TRP B 40 -12.81 -21.35 -6.43
C TRP B 40 -13.39 -19.96 -6.66
N LEU B 41 -13.00 -19.04 -5.78
CA LEU B 41 -13.42 -17.63 -5.76
C LEU B 41 -12.13 -16.81 -5.82
N LEU B 42 -12.04 -15.93 -6.79
CA LEU B 42 -10.86 -15.04 -6.94
C LEU B 42 -11.19 -13.71 -6.25
N ILE B 43 -10.57 -13.45 -5.10
CA ILE B 43 -10.72 -12.17 -4.38
C ILE B 43 -9.74 -11.22 -5.05
N ASP B 44 -10.25 -10.24 -5.83
CA ASP B 44 -9.41 -9.42 -6.73
C ASP B 44 -8.84 -8.16 -6.03
N GLY B 45 -7.56 -8.20 -5.67
CA GLY B 45 -6.82 -7.10 -5.02
C GLY B 45 -6.19 -6.17 -6.04
N GLU B 46 -6.29 -6.51 -7.33
CA GLU B 46 -5.64 -5.76 -8.42
C GLU B 46 -6.66 -4.81 -9.08
N HIS B 47 -7.87 -5.26 -9.38
CA HIS B 47 -8.83 -4.52 -10.23
C HIS B 47 -10.14 -4.24 -9.49
N ALA B 48 -10.24 -4.63 -8.22
CA ALA B 48 -11.36 -4.21 -7.35
C ALA B 48 -10.81 -3.43 -6.18
N PRO B 49 -11.61 -2.54 -5.53
CA PRO B 49 -11.13 -1.67 -4.44
C PRO B 49 -11.02 -2.39 -3.09
N ASN B 50 -10.07 -3.29 -3.04
CA ASN B 50 -9.75 -4.14 -1.89
C ASN B 50 -8.43 -3.67 -1.26
N ASP B 51 -8.25 -3.95 0.02
CA ASP B 51 -6.97 -3.77 0.73
C ASP B 51 -6.82 -5.03 1.59
N VAL B 52 -5.77 -5.12 2.36
CA VAL B 52 -5.52 -6.32 3.19
C VAL B 52 -6.74 -6.56 4.07
N ARG B 53 -7.26 -5.53 4.72
CA ARG B 53 -8.35 -5.70 5.70
C ARG B 53 -9.63 -6.16 4.99
N SER B 54 -9.99 -5.61 3.82
CA SER B 54 -11.22 -6.08 3.13
C SER B 54 -11.02 -7.53 2.65
N ILE B 55 -9.80 -7.91 2.28
CA ILE B 55 -9.51 -9.27 1.77
C ILE B 55 -9.66 -10.23 2.95
N LEU B 56 -9.16 -9.86 4.13
CA LEU B 56 -9.35 -10.68 5.35
C LEU B 56 -10.85 -10.93 5.59
N ALA B 57 -11.66 -9.87 5.56
CA ALA B 57 -13.11 -9.99 5.83
C ALA B 57 -13.69 -11.03 4.85
N GLN B 58 -13.27 -11.00 3.60
CA GLN B 58 -13.82 -11.91 2.55
C GLN B 58 -13.29 -13.33 2.76
N LEU B 59 -12.01 -13.49 3.15
CA LEU B 59 -11.49 -14.82 3.58
C LEU B 59 -12.36 -15.36 4.71
N GLN B 60 -12.67 -14.56 5.73
CA GLN B 60 -13.43 -15.04 6.91
C GLN B 60 -14.83 -15.46 6.46
N SER B 61 -15.45 -14.70 5.56
CA SER B 61 -16.81 -15.03 5.02
C SER B 61 -16.79 -16.40 4.33
N ILE B 62 -15.87 -16.54 3.38
CA ILE B 62 -15.72 -17.72 2.48
C ILE B 62 -15.28 -18.97 3.25
N ALA B 63 -14.60 -18.81 4.40
CA ALA B 63 -13.95 -19.90 5.14
C ALA B 63 -15.02 -20.94 5.56
N ALA B 64 -16.26 -20.54 5.82
CA ALA B 64 -17.31 -21.49 6.31
C ALA B 64 -17.84 -22.34 5.15
N TYR B 65 -17.34 -22.17 3.93
CA TYR B 65 -17.98 -22.77 2.73
C TYR B 65 -16.92 -23.56 1.99
N PRO B 66 -17.30 -24.61 1.24
CA PRO B 66 -16.31 -25.41 0.52
C PRO B 66 -15.56 -24.68 -0.61
N SER B 67 -16.07 -23.58 -1.15
CA SER B 67 -15.35 -22.82 -2.22
C SER B 67 -13.97 -22.43 -1.70
N GLN B 68 -12.94 -22.66 -2.51
CA GLN B 68 -11.52 -22.34 -2.18
C GLN B 68 -11.23 -20.88 -2.59
N ALA B 69 -10.61 -20.12 -1.70
CA ALA B 69 -10.24 -18.71 -1.95
C ALA B 69 -8.85 -18.65 -2.58
N VAL B 70 -8.75 -17.83 -3.60
CA VAL B 70 -7.51 -17.45 -4.33
C VAL B 70 -7.46 -15.92 -4.28
N VAL B 71 -6.32 -15.35 -3.92
CA VAL B 71 -6.21 -13.87 -3.77
C VAL B 71 -5.25 -13.35 -4.83
N ARG B 72 -5.67 -12.35 -5.58
CA ARG B 72 -4.80 -11.61 -6.51
C ARG B 72 -4.33 -10.31 -5.84
N PRO B 73 -3.05 -10.19 -5.50
CA PRO B 73 -2.53 -8.88 -5.09
C PRO B 73 -2.43 -7.90 -6.28
N VAL B 74 -2.34 -6.60 -5.98
CA VAL B 74 -2.25 -5.53 -7.00
C VAL B 74 -0.99 -5.69 -7.87
N SER B 75 0.08 -6.30 -7.36
CA SER B 75 1.36 -6.53 -8.09
C SER B 75 2.15 -7.58 -7.33
N GLY B 76 3.23 -8.08 -7.92
CA GLY B 76 4.14 -9.02 -7.23
C GLY B 76 5.02 -8.32 -6.24
N ASP B 77 4.42 -7.71 -5.22
CA ASP B 77 5.10 -6.94 -4.18
C ASP B 77 5.39 -7.90 -3.02
N VAL B 78 6.66 -8.07 -2.63
CA VAL B 78 7.05 -9.15 -1.67
C VAL B 78 6.44 -8.83 -0.29
N PRO B 79 6.49 -7.59 0.23
CA PRO B 79 5.87 -7.28 1.53
C PRO B 79 4.35 -7.48 1.54
N LEU B 80 3.69 -7.22 0.42
CA LEU B 80 2.19 -7.39 0.32
C LEU B 80 1.87 -8.89 0.29
N ILE B 81 2.65 -9.66 -0.43
CA ILE B 81 2.52 -11.13 -0.44
C ILE B 81 2.64 -11.65 0.99
N LYS B 82 3.65 -11.20 1.75
CA LYS B 82 3.80 -11.57 3.18
C LYS B 82 2.49 -11.26 3.92
N GLN B 83 1.94 -10.06 3.75
CA GLN B 83 0.71 -9.69 4.48
C GLN B 83 -0.46 -10.62 4.11
N LEU B 84 -0.61 -10.97 2.85
CA LEU B 84 -1.79 -11.71 2.36
C LEU B 84 -1.65 -13.15 2.83
N LEU B 85 -0.43 -13.69 2.83
CA LEU B 85 -0.20 -15.04 3.40
C LEU B 85 -0.48 -15.07 4.90
N ASP B 86 -0.12 -14.03 5.63
CA ASP B 86 -0.33 -14.07 7.10
C ASP B 86 -1.82 -13.99 7.42
N ILE B 87 -2.65 -13.32 6.61
CA ILE B 87 -4.10 -13.28 6.94
C ILE B 87 -4.73 -14.60 6.50
N GLY B 88 -3.98 -15.47 5.84
CA GLY B 88 -4.40 -16.85 5.65
C GLY B 88 -4.76 -17.20 4.22
N ALA B 89 -4.48 -16.33 3.24
CA ALA B 89 -4.62 -16.67 1.79
C ALA B 89 -3.65 -17.79 1.45
N GLN B 90 -4.15 -18.95 1.04
CA GLN B 90 -3.27 -20.12 0.75
C GLN B 90 -2.91 -20.19 -0.74
N THR B 91 -3.68 -19.52 -1.59
CA THR B 91 -3.42 -19.53 -3.05
C THR B 91 -3.34 -18.09 -3.51
N LEU B 92 -2.26 -17.75 -4.22
CA LEU B 92 -2.09 -16.38 -4.76
C LEU B 92 -1.95 -16.42 -6.28
N LEU B 93 -2.57 -15.41 -6.91
CA LEU B 93 -2.48 -15.21 -8.37
C LEU B 93 -1.74 -13.86 -8.60
N ILE B 94 -0.51 -13.95 -9.08
CA ILE B 94 0.36 -12.75 -9.23
C ILE B 94 0.18 -12.20 -10.64
N PRO B 95 -0.24 -10.93 -10.80
CA PRO B 95 -0.38 -10.37 -12.14
C PRO B 95 0.96 -10.03 -12.80
N MET B 96 0.93 -10.09 -14.12
CA MET B 96 1.92 -9.44 -15.01
C MET B 96 3.31 -9.97 -14.68
N VAL B 97 3.45 -11.29 -14.62
CA VAL B 97 4.78 -11.91 -14.41
C VAL B 97 5.43 -12.05 -15.78
N GLU B 98 6.68 -11.60 -15.91
CA GLU B 98 7.35 -11.42 -17.22
C GLU B 98 8.74 -12.04 -17.29
N SER B 99 9.19 -12.79 -16.30
CA SER B 99 10.51 -13.45 -16.43
C SER B 99 10.62 -14.57 -15.41
N ALA B 100 11.51 -15.51 -15.64
CA ALA B 100 11.80 -16.61 -14.69
C ALA B 100 12.35 -15.99 -13.40
N GLU B 101 13.11 -14.91 -13.50
CA GLU B 101 13.74 -14.21 -12.36
C GLU B 101 12.61 -13.69 -11.46
N GLN B 102 11.60 -13.04 -12.04
CA GLN B 102 10.46 -12.53 -11.25
C GLN B 102 9.65 -13.72 -10.71
N ALA B 103 9.39 -14.76 -11.50
CA ALA B 103 8.64 -15.94 -11.04
C ALA B 103 9.36 -16.59 -9.86
N GLU B 104 10.69 -16.67 -9.91
CA GLU B 104 11.50 -17.27 -8.82
C GLU B 104 11.37 -16.41 -7.55
N LEU B 105 11.34 -15.10 -7.69
CA LEU B 105 11.22 -14.18 -6.54
C LEU B 105 9.85 -14.40 -5.87
N MET B 106 8.79 -14.55 -6.67
CA MET B 106 7.40 -14.86 -6.19
C MET B 106 7.42 -16.20 -5.43
N VAL B 107 8.17 -17.20 -5.91
CA VAL B 107 8.26 -18.50 -5.18
C VAL B 107 8.85 -18.26 -3.81
N LYS B 108 9.99 -17.56 -3.74
CA LYS B 108 10.69 -17.23 -2.47
C LYS B 108 9.79 -16.42 -1.56
N ALA B 109 9.05 -15.45 -2.10
CA ALA B 109 8.12 -14.59 -1.32
C ALA B 109 7.10 -15.48 -0.60
N THR B 110 6.83 -16.70 -1.09
CA THR B 110 5.79 -17.59 -0.49
C THR B 110 6.39 -18.62 0.45
N ARG B 111 7.72 -18.68 0.60
CA ARG B 111 8.39 -19.70 1.45
C ARG B 111 9.24 -19.05 2.56
N TYR B 112 9.21 -19.66 3.74
CA TYR B 112 9.98 -19.17 4.91
C TYR B 112 11.47 -19.34 4.68
N PRO B 113 12.32 -18.54 5.33
CA PRO B 113 13.74 -18.82 5.29
C PRO B 113 13.95 -20.14 6.02
N PRO B 114 15.09 -20.84 5.75
CA PRO B 114 16.15 -20.32 4.92
C PRO B 114 15.94 -20.44 3.39
N GLU B 115 14.95 -21.21 2.92
CA GLU B 115 14.67 -21.46 1.48
C GLU B 115 14.10 -20.21 0.80
N GLY B 116 13.22 -19.47 1.46
CA GLY B 116 12.57 -18.29 0.86
C GLY B 116 12.76 -17.02 1.67
N ILE B 117 11.91 -16.03 1.42
CA ILE B 117 12.04 -14.69 2.05
C ILE B 117 10.72 -14.26 2.66
N ARG B 118 9.76 -15.17 2.83
CA ARG B 118 8.53 -14.85 3.59
C ARG B 118 8.91 -14.44 5.03
N GLY B 119 8.45 -13.27 5.46
CA GLY B 119 8.67 -12.83 6.85
C GLY B 119 7.98 -13.73 7.86
N VAL B 120 8.60 -13.96 8.99
CA VAL B 120 8.13 -14.92 10.02
C VAL B 120 7.40 -14.13 11.12
N GLY B 121 6.10 -14.39 11.26
CA GLY B 121 5.26 -13.77 12.30
C GLY B 121 4.03 -14.61 12.62
N ALA B 122 4.23 -15.88 12.96
CA ALA B 122 3.19 -16.91 13.18
C ALA B 122 2.27 -16.55 14.37
N ALA B 123 2.80 -15.97 15.44
CA ALA B 123 2.01 -15.68 16.66
C ALA B 123 0.85 -14.75 16.31
N LEU B 124 1.01 -13.91 15.28
CA LEU B 124 0.06 -12.80 14.96
C LEU B 124 -0.85 -13.20 13.80
N ALA B 125 -0.58 -14.33 13.13
CA ALA B 125 -1.19 -14.62 11.81
C ALA B 125 -2.46 -15.46 12.01
N ARG B 126 -3.52 -15.03 11.34
CA ARG B 126 -4.66 -15.94 11.08
C ARG B 126 -4.15 -17.18 10.32
N ALA B 127 -3.05 -17.10 9.55
CA ALA B 127 -2.59 -18.28 8.76
C ALA B 127 -2.27 -19.46 9.71
N SER B 128 -1.70 -19.20 10.88
CA SER B 128 -1.31 -20.23 11.88
C SER B 128 -2.43 -20.43 12.90
N ARG B 129 -3.55 -19.72 12.69
CA ARG B 129 -4.59 -19.45 13.71
C ARG B 129 -3.93 -19.03 15.02
N TRP B 130 -3.01 -18.06 14.97
CA TRP B 130 -2.34 -17.45 16.15
C TRP B 130 -1.64 -18.57 16.94
N ASN B 131 -0.99 -19.47 16.21
CA ASN B 131 -0.19 -20.63 16.72
C ASN B 131 -1.10 -21.74 17.27
N ASN B 132 -2.39 -21.69 17.00
CA ASN B 132 -3.29 -22.80 17.36
C ASN B 132 -3.07 -23.96 16.38
N ILE B 133 -2.51 -23.71 15.19
CA ILE B 133 -1.93 -24.77 14.31
C ILE B 133 -0.46 -24.94 14.74
N SER B 134 -0.16 -25.93 15.59
CA SER B 134 1.05 -25.94 16.46
C SER B 134 2.36 -26.14 15.67
N ASP B 135 2.32 -26.74 14.46
CA ASP B 135 3.53 -27.06 13.65
C ASP B 135 3.54 -26.20 12.36
N TYR B 136 2.81 -25.09 12.38
CA TYR B 136 2.58 -24.23 11.17
C TYR B 136 3.90 -23.94 10.45
N LEU B 137 4.91 -23.45 11.18
CA LEU B 137 6.20 -23.02 10.58
C LEU B 137 6.88 -24.19 9.86
N GLN B 138 6.61 -25.43 10.25
CA GLN B 138 7.23 -26.61 9.57
C GLN B 138 6.41 -27.05 8.34
N THR B 139 5.09 -26.87 8.34
CA THR B 139 4.13 -27.50 7.38
C THR B 139 3.54 -26.46 6.40
N ALA B 140 3.70 -25.15 6.64
CA ALA B 140 2.93 -24.09 5.92
C ALA B 140 3.07 -24.25 4.40
N ASP B 141 4.29 -24.37 3.89
CA ASP B 141 4.48 -24.34 2.42
C ASP B 141 3.73 -25.48 1.74
N GLU B 142 3.52 -26.63 2.40
CA GLU B 142 2.78 -27.78 1.81
C GLU B 142 1.39 -27.36 1.31
N GLN B 143 0.74 -26.36 1.93
CA GLN B 143 -0.64 -25.95 1.57
C GLN B 143 -0.65 -24.58 0.87
N ILE B 144 0.51 -24.01 0.50
CA ILE B 144 0.60 -22.74 -0.26
C ILE B 144 0.67 -23.10 -1.75
N CYS B 145 -0.12 -22.43 -2.55
CA CYS B 145 -0.18 -22.59 -4.02
C CYS B 145 0.15 -21.25 -4.70
N LEU B 146 1.18 -21.22 -5.54
CA LEU B 146 1.57 -20.00 -6.30
C LEU B 146 1.15 -20.12 -7.77
N LEU B 147 0.34 -19.18 -8.22
CA LEU B 147 -0.05 -19.07 -9.64
C LEU B 147 0.53 -17.76 -10.16
N VAL B 148 1.02 -17.76 -11.41
CA VAL B 148 1.50 -16.48 -12.00
C VAL B 148 0.72 -16.19 -13.29
N GLN B 149 0.52 -14.91 -13.56
CA GLN B 149 -0.19 -14.51 -14.79
C GLN B 149 0.83 -14.22 -15.89
N VAL B 150 0.62 -14.85 -17.05
CA VAL B 150 1.25 -14.43 -18.33
C VAL B 150 0.20 -13.67 -19.18
N GLU B 151 0.43 -12.37 -19.36
CA GLU B 151 -0.57 -11.45 -19.96
C GLU B 151 0.11 -10.25 -20.61
N SER B 152 1.34 -10.43 -21.11
CA SER B 152 2.09 -9.38 -21.84
C SER B 152 2.99 -10.09 -22.84
N LYS B 153 3.52 -9.35 -23.82
CA LYS B 153 4.47 -9.87 -24.82
C LYS B 153 5.72 -10.35 -24.10
N LYS B 154 6.22 -9.58 -23.13
CA LYS B 154 7.43 -10.05 -22.39
C LYS B 154 7.14 -11.35 -21.65
N GLY B 155 5.97 -11.49 -21.04
CA GLY B 155 5.54 -12.79 -20.49
C GLY B 155 5.67 -13.91 -21.50
N LEU B 156 5.06 -13.74 -22.69
CA LEU B 156 5.07 -14.79 -23.73
C LEU B 156 6.52 -15.02 -24.17
N ASP B 157 7.35 -13.94 -24.16
CA ASP B 157 8.77 -14.03 -24.59
C ASP B 157 9.58 -14.82 -23.57
N ASN B 158 9.05 -15.00 -22.37
CA ASN B 158 9.78 -15.70 -21.28
C ASN B 158 8.98 -16.92 -20.80
N LEU B 159 8.05 -17.41 -21.62
CA LEU B 159 7.08 -18.45 -21.20
C LEU B 159 7.84 -19.75 -20.85
N ASP B 160 8.71 -20.23 -21.74
CA ASP B 160 9.42 -21.53 -21.51
C ASP B 160 10.24 -21.45 -20.22
N GLU B 161 10.83 -20.29 -19.94
CA GLU B 161 11.70 -20.07 -18.75
C GLU B 161 10.84 -20.04 -17.48
N ILE B 162 9.73 -19.31 -17.48
CA ILE B 162 8.78 -19.30 -16.34
C ILE B 162 8.28 -20.74 -16.07
N LEU B 163 8.03 -21.52 -17.13
CA LEU B 163 7.45 -22.87 -16.99
C LEU B 163 8.49 -23.83 -16.38
N ASN B 164 9.77 -23.47 -16.34
CA ASN B 164 10.82 -24.32 -15.70
C ASN B 164 11.10 -23.84 -14.27
N VAL B 165 10.29 -22.93 -13.71
CA VAL B 165 10.52 -22.48 -12.32
C VAL B 165 9.78 -23.42 -11.37
N ASP B 166 10.54 -24.16 -10.55
CA ASP B 166 9.96 -25.03 -9.49
C ASP B 166 9.28 -24.16 -8.45
N GLY B 167 8.07 -24.52 -8.12
CA GLY B 167 7.23 -23.82 -7.13
C GLY B 167 6.21 -22.92 -7.79
N VAL B 168 6.28 -22.71 -9.09
CA VAL B 168 5.11 -22.13 -9.83
C VAL B 168 4.16 -23.28 -10.11
N ASP B 169 2.98 -23.31 -9.48
CA ASP B 169 2.00 -24.43 -9.63
C ASP B 169 1.16 -24.25 -10.90
N GLY B 170 0.95 -23.01 -11.35
CA GLY B 170 0.01 -22.73 -12.44
C GLY B 170 0.34 -21.41 -13.10
N ILE B 171 0.06 -21.34 -14.40
CA ILE B 171 0.16 -20.10 -15.18
C ILE B 171 -1.24 -19.78 -15.68
N PHE B 172 -1.71 -18.58 -15.35
CA PHE B 172 -3.03 -18.07 -15.69
C PHE B 172 -2.86 -17.07 -16.82
N ILE B 173 -3.65 -17.22 -17.87
CA ILE B 173 -3.62 -16.29 -19.03
C ILE B 173 -4.67 -15.20 -18.79
N GLY B 174 -4.29 -13.92 -18.89
CA GLY B 174 -5.18 -12.76 -18.72
C GLY B 174 -5.59 -12.22 -20.09
N PRO B 175 -6.76 -12.57 -20.63
CA PRO B 175 -7.08 -12.20 -22.00
C PRO B 175 -7.22 -10.70 -22.21
N ALA B 176 -7.66 -9.92 -21.21
CA ALA B 176 -7.83 -8.47 -21.38
C ALA B 176 -6.45 -7.82 -21.52
N ASP B 177 -5.56 -8.09 -20.56
CA ASP B 177 -4.20 -7.50 -20.59
C ASP B 177 -3.47 -8.03 -21.83
N LEU B 178 -3.66 -9.31 -22.19
CA LEU B 178 -2.83 -9.89 -23.30
C LEU B 178 -3.30 -9.31 -24.64
N SER B 179 -4.61 -9.28 -24.88
CA SER B 179 -5.21 -8.72 -26.11
C SER B 179 -4.80 -7.24 -26.27
N ALA B 180 -4.76 -6.48 -25.19
CA ALA B 180 -4.29 -5.07 -25.26
C ALA B 180 -2.79 -5.05 -25.63
N ALA B 181 -1.98 -5.91 -25.02
CA ALA B 181 -0.51 -5.95 -25.25
C ALA B 181 -0.27 -6.27 -26.73
N LEU B 182 -1.15 -7.06 -27.34
CA LEU B 182 -1.00 -7.52 -28.73
C LEU B 182 -1.59 -6.49 -29.73
N GLY B 183 -2.12 -5.36 -29.27
CA GLY B 183 -2.72 -4.32 -30.13
C GLY B 183 -4.14 -4.64 -30.52
N TYR B 184 -4.83 -5.52 -29.77
CA TYR B 184 -6.25 -5.90 -29.98
C TYR B 184 -7.04 -5.57 -28.72
N ARG B 185 -6.80 -4.39 -28.18
CA ARG B 185 -7.44 -3.98 -26.91
C ARG B 185 -8.97 -4.02 -27.04
N GLY B 186 -9.64 -4.70 -26.11
CA GLY B 186 -11.10 -4.85 -26.11
C GLY B 186 -11.60 -5.91 -27.08
N ASN B 187 -10.70 -6.64 -27.74
CA ASN B 187 -11.03 -7.62 -28.82
C ASN B 187 -10.24 -8.92 -28.63
N PRO B 188 -10.29 -9.55 -27.43
CA PRO B 188 -9.62 -10.82 -27.20
C PRO B 188 -10.13 -11.99 -28.07
N GLY B 189 -11.39 -11.90 -28.51
CA GLY B 189 -12.04 -12.90 -29.37
C GLY B 189 -11.40 -13.00 -30.76
N HIS B 190 -10.57 -12.05 -31.19
CA HIS B 190 -9.82 -12.14 -32.47
C HIS B 190 -8.98 -13.43 -32.57
N GLU B 191 -9.01 -14.05 -33.75
CA GLU B 191 -8.26 -15.28 -34.07
C GLU B 191 -6.77 -15.14 -33.72
N PHE B 192 -6.12 -14.03 -34.05
CA PHE B 192 -4.69 -13.80 -33.74
C PHE B 192 -4.44 -14.03 -32.23
N VAL B 193 -5.25 -13.40 -31.40
CA VAL B 193 -5.15 -13.57 -29.92
C VAL B 193 -5.49 -15.01 -29.52
N GLN B 194 -6.61 -15.55 -29.99
CA GLN B 194 -7.05 -16.91 -29.57
C GLN B 194 -6.01 -17.97 -29.93
N ASN B 195 -5.34 -17.88 -31.09
CA ASN B 195 -4.35 -18.90 -31.51
C ASN B 195 -3.19 -18.85 -30.52
N ILE B 196 -2.79 -17.66 -30.07
CA ILE B 196 -1.71 -17.48 -29.07
C ILE B 196 -2.16 -18.07 -27.73
N ILE B 197 -3.42 -17.86 -27.36
CA ILE B 197 -3.93 -18.36 -26.07
C ILE B 197 -3.90 -19.89 -26.09
N VAL B 198 -4.40 -20.50 -27.17
CA VAL B 198 -4.49 -21.99 -27.28
C VAL B 198 -3.08 -22.57 -27.21
N GLN B 199 -2.15 -22.03 -27.98
CA GLN B 199 -0.76 -22.55 -27.99
C GLN B 199 -0.16 -22.41 -26.59
N THR B 200 -0.44 -21.31 -25.89
CA THR B 200 0.13 -21.03 -24.53
C THR B 200 -0.41 -22.09 -23.57
N ILE B 201 -1.72 -22.37 -23.61
CA ILE B 201 -2.35 -23.39 -22.75
C ILE B 201 -1.62 -24.73 -23.01
N GLN B 202 -1.49 -25.12 -24.28
CA GLN B 202 -0.85 -26.40 -24.67
C GLN B 202 0.57 -26.45 -24.10
N LYS B 203 1.33 -25.35 -24.18
CA LYS B 203 2.74 -25.35 -23.69
C LYS B 203 2.75 -25.45 -22.16
N ILE B 204 1.82 -24.76 -21.48
CA ILE B 204 1.74 -24.83 -20.00
C ILE B 204 1.52 -26.28 -19.57
N ARG B 205 0.51 -26.93 -20.15
CA ARG B 205 0.16 -28.33 -19.81
C ARG B 205 1.31 -29.27 -20.20
N ALA B 206 2.01 -29.03 -21.32
CA ALA B 206 3.13 -29.90 -21.77
C ALA B 206 4.28 -29.83 -20.76
N ALA B 207 4.44 -28.71 -20.07
CA ALA B 207 5.51 -28.57 -19.07
C ALA B 207 5.04 -29.10 -17.71
N GLY B 208 3.84 -29.70 -17.63
CA GLY B 208 3.35 -30.30 -16.39
C GLY B 208 2.87 -29.27 -15.37
N LYS B 209 2.52 -28.06 -15.80
CA LYS B 209 1.92 -27.06 -14.86
C LYS B 209 0.44 -26.93 -15.17
N ALA B 210 -0.32 -26.46 -14.19
CA ALA B 210 -1.75 -26.13 -14.36
C ALA B 210 -1.89 -24.85 -15.22
N ALA B 211 -2.80 -24.87 -16.19
CA ALA B 211 -3.17 -23.71 -17.03
C ALA B 211 -4.48 -23.16 -16.46
N GLY B 212 -4.62 -21.84 -16.47
CA GLY B 212 -5.85 -21.16 -16.06
C GLY B 212 -6.19 -20.00 -16.96
N ILE B 213 -7.43 -19.55 -16.87
CA ILE B 213 -7.92 -18.44 -17.70
C ILE B 213 -9.25 -17.98 -17.11
N LEU B 214 -9.60 -16.75 -17.43
CA LEU B 214 -10.93 -16.17 -17.22
C LEU B 214 -11.55 -15.88 -18.60
N SER B 215 -12.78 -16.34 -18.83
CA SER B 215 -13.62 -15.82 -19.93
C SER B 215 -15.08 -15.84 -19.48
N ALA B 216 -15.74 -14.71 -19.61
CA ALA B 216 -17.20 -14.57 -19.41
C ALA B 216 -17.96 -15.02 -20.67
N ASP B 217 -17.27 -15.29 -21.76
CA ASP B 217 -17.86 -15.92 -22.99
C ASP B 217 -18.01 -17.43 -22.75
N GLU B 218 -19.24 -17.92 -22.66
CA GLU B 218 -19.51 -19.35 -22.37
C GLU B 218 -18.83 -20.25 -23.41
N LYS B 219 -18.90 -19.90 -24.68
CA LYS B 219 -18.35 -20.79 -25.74
C LYS B 219 -16.83 -20.85 -25.58
N LEU B 220 -16.17 -19.71 -25.37
CA LEU B 220 -14.69 -19.71 -25.15
C LEU B 220 -14.33 -20.53 -23.90
N ALA B 221 -15.01 -20.33 -22.77
CA ALA B 221 -14.74 -21.08 -21.50
C ALA B 221 -14.88 -22.59 -21.74
N LYS B 222 -15.95 -23.02 -22.44
CA LYS B 222 -16.14 -24.46 -22.78
C LYS B 222 -15.00 -24.99 -23.67
N GLN B 223 -14.55 -24.20 -24.64
CA GLN B 223 -13.39 -24.60 -25.49
C GLN B 223 -12.15 -24.73 -24.61
N TYR B 224 -11.93 -23.80 -23.69
CA TYR B 224 -10.72 -23.86 -22.82
C TYR B 224 -10.82 -25.12 -21.96
N LEU B 225 -12.02 -25.41 -21.44
CA LEU B 225 -12.26 -26.66 -20.69
C LEU B 225 -11.99 -27.89 -21.58
N GLU B 226 -12.38 -27.85 -22.85
CA GLU B 226 -12.15 -29.02 -23.76
C GLU B 226 -10.64 -29.19 -23.97
N LEU B 227 -9.86 -28.12 -23.99
CA LEU B 227 -8.38 -28.21 -24.15
C LEU B 227 -7.71 -28.78 -22.88
N GLY B 228 -8.42 -28.90 -21.76
CA GLY B 228 -7.89 -29.52 -20.53
C GLY B 228 -7.44 -28.48 -19.53
N THR B 229 -7.81 -27.22 -19.74
CA THR B 229 -7.39 -26.11 -18.82
C THR B 229 -7.87 -26.43 -17.41
N GLU B 230 -6.96 -26.37 -16.43
CA GLU B 230 -7.21 -26.91 -15.06
C GLU B 230 -8.10 -25.94 -14.24
N PHE B 231 -7.98 -24.62 -14.37
CA PHE B 231 -8.73 -23.66 -13.53
C PHE B 231 -9.23 -22.54 -14.45
N VAL B 232 -10.55 -22.54 -14.65
CA VAL B 232 -11.29 -21.63 -15.55
C VAL B 232 -12.30 -20.83 -14.73
N ALA B 233 -12.13 -19.53 -14.67
CA ALA B 233 -13.14 -18.60 -14.13
C ALA B 233 -14.10 -18.26 -15.26
N VAL B 234 -15.41 -18.29 -15.01
CA VAL B 234 -16.45 -18.28 -16.08
C VAL B 234 -17.30 -17.02 -15.95
N GLY B 235 -16.97 -16.16 -15.00
CA GLY B 235 -17.78 -14.96 -14.78
C GLY B 235 -17.21 -14.07 -13.71
N VAL B 236 -17.82 -12.91 -13.55
CA VAL B 236 -17.38 -11.85 -12.63
C VAL B 236 -18.62 -11.36 -11.88
N ASP B 237 -18.55 -11.21 -10.57
CA ASP B 237 -19.73 -10.83 -9.76
C ASP B 237 -20.21 -9.43 -10.18
N THR B 238 -19.35 -8.42 -10.34
CA THR B 238 -19.82 -7.08 -10.74
C THR B 238 -20.58 -7.15 -12.08
N SER B 239 -20.05 -7.88 -13.07
CA SER B 239 -20.68 -8.04 -14.42
C SER B 239 -22.03 -8.74 -14.31
N LEU B 240 -22.13 -9.81 -13.54
CA LEU B 240 -23.40 -10.57 -13.39
C LEU B 240 -24.42 -9.70 -12.68
N LEU B 241 -24.03 -8.92 -11.69
CA LEU B 241 -25.00 -8.01 -11.00
C LEU B 241 -25.51 -6.98 -12.00
N MET B 242 -24.64 -6.31 -12.75
CA MET B 242 -25.03 -5.22 -13.65
C MET B 242 -25.91 -5.83 -14.76
N LYS B 243 -25.47 -6.94 -15.37
CA LYS B 243 -26.20 -7.51 -16.52
C LYS B 243 -27.59 -7.98 -16.07
N SER B 244 -27.70 -8.65 -14.94
CA SER B 244 -28.99 -9.22 -14.48
C SER B 244 -29.95 -8.06 -14.19
N MET B 245 -29.46 -6.96 -13.61
CA MET B 245 -30.31 -5.79 -13.29
C MET B 245 -30.71 -5.08 -14.59
N LYS B 246 -29.82 -5.01 -15.58
CA LYS B 246 -30.17 -4.36 -16.87
C LYS B 246 -31.20 -5.24 -17.61
N GLN B 247 -30.97 -6.55 -17.66
CA GLN B 247 -31.84 -7.50 -18.39
C GLN B 247 -33.25 -7.46 -17.80
N LEU B 248 -33.34 -7.42 -16.47
CA LEU B 248 -34.63 -7.30 -15.76
C LEU B 248 -35.32 -6.00 -16.16
N LEU B 249 -34.61 -4.86 -16.12
CA LEU B 249 -35.27 -3.55 -16.35
C LEU B 249 -35.83 -3.54 -17.78
N SER B 250 -35.10 -4.11 -18.74
CA SER B 250 -35.47 -4.06 -20.17
C SER B 250 -36.79 -4.82 -20.43
N LYS B 251 -37.25 -5.66 -19.50
CA LYS B 251 -38.56 -6.37 -19.59
C LYS B 251 -39.71 -5.42 -19.29
N PHE B 252 -39.41 -4.25 -18.74
CA PHE B 252 -40.41 -3.24 -18.34
C PHE B 252 -40.12 -1.86 -18.94
N LYS B 253 -38.94 -1.65 -19.57
CA LYS B 253 -38.21 -0.37 -19.79
C LYS B 253 -38.81 0.74 -18.91
N MET C 1 -24.10 4.47 -21.69
CA MET C 1 -23.53 5.72 -21.09
C MET C 1 -22.32 6.15 -21.93
N VAL C 2 -22.06 7.46 -22.00
CA VAL C 2 -20.78 8.01 -22.56
C VAL C 2 -19.85 8.28 -21.37
N ASN C 3 -18.52 8.19 -21.60
CA ASN C 3 -17.49 8.45 -20.55
C ASN C 3 -17.80 9.82 -19.93
N THR C 4 -17.55 9.96 -18.63
CA THR C 4 -17.72 11.23 -17.87
C THR C 4 -16.72 12.24 -18.46
N VAL C 5 -17.17 13.43 -18.88
CA VAL C 5 -16.25 14.40 -19.54
C VAL C 5 -15.34 14.92 -18.41
N ASN C 6 -14.05 15.08 -18.69
CA ASN C 6 -13.11 15.68 -17.72
C ASN C 6 -13.09 17.18 -17.98
N TYR C 7 -13.94 17.91 -17.29
CA TYR C 7 -14.07 19.39 -17.46
C TYR C 7 -12.81 20.07 -16.92
N PHE C 8 -12.18 19.48 -15.90
CA PHE C 8 -10.89 20.03 -15.41
C PHE C 8 -9.88 20.03 -16.55
N LYS C 9 -9.70 18.89 -17.21
CA LYS C 9 -8.74 18.80 -18.32
C LYS C 9 -9.08 19.86 -19.41
N GLN C 10 -10.32 19.94 -19.84
CA GLN C 10 -10.75 20.91 -20.89
C GLN C 10 -10.45 22.35 -20.46
N LYS C 11 -10.75 22.67 -19.20
CA LYS C 11 -10.60 24.04 -18.69
C LYS C 11 -9.13 24.46 -18.51
N LEU C 12 -8.15 23.56 -18.58
CA LEU C 12 -6.71 23.91 -18.51
C LEU C 12 -6.35 24.87 -19.66
N LYS C 13 -7.10 24.87 -20.75
CA LYS C 13 -6.78 25.70 -21.93
C LYS C 13 -7.78 26.86 -22.03
N THR C 14 -8.73 26.98 -21.12
CA THR C 14 -9.87 27.92 -21.30
C THR C 14 -10.03 28.87 -20.11
N GLU C 15 -9.65 28.50 -18.89
CA GLU C 15 -9.93 29.39 -17.76
C GLU C 15 -8.97 29.11 -16.62
N GLN C 16 -9.07 29.88 -15.56
CA GLN C 16 -8.27 29.66 -14.34
C GLN C 16 -9.19 28.95 -13.36
N GLN C 17 -8.76 27.82 -12.79
CA GLN C 17 -9.63 26.95 -11.96
C GLN C 17 -9.18 27.13 -10.52
N ILE C 18 -10.12 27.44 -9.63
CA ILE C 18 -9.88 27.63 -8.16
C ILE C 18 -10.15 26.31 -7.41
N GLY C 19 -9.19 25.89 -6.58
CA GLY C 19 -9.12 24.55 -6.01
C GLY C 19 -9.17 24.58 -4.50
N MET C 20 -9.73 23.53 -3.90
CA MET C 20 -9.69 23.34 -2.42
C MET C 20 -8.99 22.01 -2.13
N TRP C 21 -8.02 21.98 -1.20
CA TRP C 21 -7.38 20.74 -0.72
C TRP C 21 -8.32 20.01 0.23
N VAL C 22 -8.54 18.73 -0.01
CA VAL C 22 -9.43 17.89 0.82
C VAL C 22 -8.54 16.85 1.51
N GLY C 23 -8.23 17.09 2.78
CA GLY C 23 -7.46 16.13 3.60
C GLY C 23 -8.24 15.68 4.82
N LEU C 24 -9.57 15.85 4.86
CA LEU C 24 -10.36 15.35 6.01
C LEU C 24 -10.68 13.87 5.85
N ALA C 25 -10.39 13.30 4.68
CA ALA C 25 -10.15 11.84 4.48
C ALA C 25 -11.46 11.07 4.65
N ASP C 26 -12.55 11.63 4.20
CA ASP C 26 -13.85 11.12 4.66
C ASP C 26 -14.91 11.49 3.60
N GLY C 27 -15.81 10.58 3.21
CA GLY C 27 -16.85 10.87 2.17
C GLY C 27 -17.80 11.98 2.58
N TYR C 28 -18.13 12.09 3.86
CA TYR C 28 -19.07 13.11 4.39
C TYR C 28 -18.40 14.48 4.32
N CYS C 29 -17.17 14.61 4.81
CA CYS C 29 -16.36 15.86 4.69
C CYS C 29 -16.14 16.27 3.21
N ALA C 30 -15.87 15.33 2.30
CA ALA C 30 -15.71 15.61 0.86
C ALA C 30 -17.00 16.21 0.29
N GLU C 31 -18.15 15.65 0.71
CA GLU C 31 -19.46 16.14 0.24
C GLU C 31 -19.64 17.59 0.70
N ILE C 32 -19.28 17.95 1.91
CA ILE C 32 -19.46 19.34 2.38
C ILE C 32 -18.66 20.27 1.45
N ALA C 33 -17.40 19.92 1.17
CA ALA C 33 -16.50 20.70 0.30
C ALA C 33 -17.14 20.81 -1.09
N ALA C 34 -17.76 19.74 -1.55
CA ALA C 34 -18.30 19.65 -2.92
C ALA C 34 -19.45 20.65 -3.11
N ASN C 35 -20.13 21.04 -2.03
CA ASN C 35 -21.28 21.97 -2.08
C ASN C 35 -20.84 23.42 -2.26
N VAL C 36 -19.56 23.74 -2.10
CA VAL C 36 -19.13 25.16 -2.01
C VAL C 36 -19.10 25.78 -3.42
N GLY C 37 -18.61 25.05 -4.43
CA GLY C 37 -18.52 25.53 -5.82
C GLY C 37 -17.09 25.76 -6.29
N TYR C 38 -16.08 25.14 -5.66
CA TYR C 38 -14.70 25.13 -6.16
C TYR C 38 -14.70 24.50 -7.55
N ASP C 39 -13.80 24.96 -8.40
CA ASP C 39 -13.63 24.36 -9.74
C ASP C 39 -13.13 22.91 -9.56
N TRP C 40 -12.22 22.70 -8.59
CA TRP C 40 -11.60 21.39 -8.35
C TRP C 40 -11.32 21.14 -6.86
N LEU C 41 -11.31 19.86 -6.49
CA LEU C 41 -11.11 19.38 -5.11
C LEU C 41 -9.95 18.39 -5.22
N LEU C 42 -8.92 18.61 -4.43
CA LEU C 42 -7.73 17.70 -4.43
C LEU C 42 -7.91 16.71 -3.27
N ILE C 43 -8.21 15.47 -3.60
CA ILE C 43 -8.34 14.37 -2.61
C ILE C 43 -6.93 13.88 -2.33
N ASP C 44 -6.40 14.17 -1.14
CA ASP C 44 -4.94 14.04 -0.88
C ASP C 44 -4.58 12.64 -0.35
N GLY C 45 -4.03 11.80 -1.22
CA GLY C 45 -3.59 10.44 -0.86
C GLY C 45 -2.17 10.44 -0.31
N GLU C 46 -1.49 11.60 -0.30
CA GLU C 46 -0.06 11.67 0.07
C GLU C 46 0.05 12.13 1.53
N HIS C 47 -0.71 13.16 1.93
CA HIS C 47 -0.47 13.85 3.22
C HIS C 47 -1.72 13.81 4.11
N ALA C 48 -2.78 13.16 3.67
CA ALA C 48 -3.96 12.88 4.52
C ALA C 48 -4.10 11.36 4.66
N PRO C 49 -4.75 10.82 5.73
CA PRO C 49 -4.85 9.37 5.97
C PRO C 49 -5.94 8.68 5.12
N ASN C 50 -5.63 8.57 3.84
CA ASN C 50 -6.52 8.05 2.81
C ASN C 50 -5.93 6.75 2.29
N ASP C 51 -6.79 5.86 1.78
CA ASP C 51 -6.36 4.66 1.03
C ASP C 51 -7.29 4.58 -0.17
N VAL C 52 -7.16 3.57 -0.98
CA VAL C 52 -7.96 3.47 -2.21
C VAL C 52 -9.43 3.51 -1.83
N ARG C 53 -9.82 2.79 -0.79
CA ARG C 53 -11.26 2.68 -0.45
C ARG C 53 -11.79 4.04 0.02
N SER C 54 -11.04 4.80 0.84
CA SER C 54 -11.56 6.11 1.32
C SER C 54 -11.61 7.10 0.16
N ILE C 55 -10.71 6.97 -0.81
CA ILE C 55 -10.66 7.88 -2.00
C ILE C 55 -11.91 7.58 -2.84
N LEU C 56 -12.24 6.29 -3.02
CA LEU C 56 -13.48 5.90 -3.75
C LEU C 56 -14.70 6.56 -3.09
N ALA C 57 -14.81 6.43 -1.78
CA ALA C 57 -15.95 7.02 -1.03
C ALA C 57 -16.06 8.52 -1.35
N GLN C 58 -14.94 9.23 -1.38
CA GLN C 58 -14.93 10.69 -1.64
C GLN C 58 -15.22 10.96 -3.12
N LEU C 59 -14.70 10.18 -4.05
CA LEU C 59 -15.12 10.25 -5.47
C LEU C 59 -16.66 10.11 -5.57
N GLN C 60 -17.26 9.16 -4.86
CA GLN C 60 -18.71 8.90 -4.98
C GLN C 60 -19.48 10.12 -4.43
N SER C 61 -19.02 10.68 -3.33
CA SER C 61 -19.65 11.87 -2.70
C SER C 61 -19.67 13.05 -3.69
N ILE C 62 -18.50 13.34 -4.25
CA ILE C 62 -18.18 14.53 -5.09
C ILE C 62 -18.85 14.37 -6.48
N ALA C 63 -19.11 13.14 -6.92
CA ALA C 63 -19.61 12.85 -8.28
C ALA C 63 -20.95 13.56 -8.53
N ALA C 64 -21.77 13.82 -7.52
CA ALA C 64 -23.11 14.42 -7.69
C ALA C 64 -22.98 15.94 -7.88
N TYR C 65 -21.78 16.48 -7.85
CA TYR C 65 -21.59 17.95 -7.81
C TYR C 65 -20.71 18.39 -8.96
N PRO C 66 -20.82 19.63 -9.44
CA PRO C 66 -19.99 20.10 -10.54
C PRO C 66 -18.49 20.18 -10.23
N SER C 67 -18.06 20.28 -8.98
CA SER C 67 -16.60 20.31 -8.64
C SER C 67 -15.90 19.10 -9.24
N GLN C 68 -14.75 19.31 -9.89
CA GLN C 68 -13.96 18.22 -10.51
C GLN C 68 -12.99 17.64 -9.46
N ALA C 69 -12.91 16.31 -9.39
CA ALA C 69 -11.99 15.59 -8.49
C ALA C 69 -10.63 15.37 -9.15
N VAL C 70 -9.60 15.70 -8.39
CA VAL C 70 -8.18 15.41 -8.68
C VAL C 70 -7.67 14.60 -7.49
N VAL C 71 -6.96 13.53 -7.78
CA VAL C 71 -6.45 12.63 -6.72
C VAL C 71 -4.94 12.70 -6.72
N ARG C 72 -4.33 12.90 -5.55
CA ARG C 72 -2.87 12.77 -5.36
C ARG C 72 -2.55 11.43 -4.73
N PRO C 73 -1.90 10.51 -5.42
CA PRO C 73 -1.38 9.30 -4.77
C PRO C 73 -0.17 9.62 -3.88
N VAL C 74 0.18 8.70 -2.98
CA VAL C 74 1.29 8.89 -2.00
C VAL C 74 2.62 9.02 -2.75
N SER C 75 2.75 8.45 -3.95
CA SER C 75 3.99 8.45 -4.77
C SER C 75 3.61 8.03 -6.17
N GLY C 76 4.52 8.19 -7.12
CA GLY C 76 4.32 7.74 -8.52
C GLY C 76 4.48 6.25 -8.63
N ASP C 77 3.65 5.51 -7.90
CA ASP C 77 3.68 4.05 -7.87
C ASP C 77 2.73 3.55 -8.97
N VAL C 78 3.22 2.75 -9.91
CA VAL C 78 2.45 2.41 -11.15
C VAL C 78 1.23 1.55 -10.77
N PRO C 79 1.33 0.51 -9.90
CA PRO C 79 0.17 -0.28 -9.49
C PRO C 79 -0.89 0.53 -8.74
N LEU C 80 -0.48 1.48 -7.92
CA LEU C 80 -1.43 2.38 -7.18
C LEU C 80 -2.16 3.30 -8.17
N ILE C 81 -1.43 3.82 -9.14
CA ILE C 81 -2.02 4.64 -10.22
C ILE C 81 -3.09 3.80 -10.92
N LYS C 82 -2.76 2.56 -11.30
CA LYS C 82 -3.75 1.62 -11.88
C LYS C 82 -5.00 1.56 -10.99
N GLN C 83 -4.83 1.40 -9.69
CA GLN C 83 -6.00 1.28 -8.79
C GLN C 83 -6.86 2.54 -8.78
N LEU C 84 -6.24 3.71 -8.77
CA LEU C 84 -6.93 5.00 -8.60
C LEU C 84 -7.66 5.32 -9.90
N LEU C 85 -7.06 4.98 -11.03
CA LEU C 85 -7.76 5.12 -12.35
C LEU C 85 -8.98 4.20 -12.43
N ASP C 86 -8.88 2.99 -11.90
CA ASP C 86 -10.00 2.03 -12.03
C ASP C 86 -11.16 2.44 -11.13
N ILE C 87 -10.92 3.08 -9.98
CA ILE C 87 -12.05 3.52 -9.12
C ILE C 87 -12.65 4.79 -9.74
N GLY C 88 -12.02 5.33 -10.78
CA GLY C 88 -12.63 6.35 -11.65
C GLY C 88 -12.04 7.74 -11.47
N ALA C 89 -10.90 7.90 -10.75
CA ALA C 89 -10.15 9.18 -10.73
C ALA C 89 -9.69 9.53 -12.15
N GLN C 90 -10.16 10.64 -12.71
CA GLN C 90 -9.79 11.01 -14.10
C GLN C 90 -8.60 11.97 -14.16
N THR C 91 -8.30 12.65 -13.05
CA THR C 91 -7.15 13.58 -12.97
C THR C 91 -6.27 13.17 -11.80
N LEU C 92 -4.97 12.98 -12.06
CA LEU C 92 -3.99 12.58 -11.03
C LEU C 92 -2.89 13.64 -10.92
N LEU C 93 -2.48 13.91 -9.67
CA LEU C 93 -1.38 14.82 -9.33
C LEU C 93 -0.28 13.95 -8.67
N ILE C 94 0.81 13.75 -9.39
CA ILE C 94 1.90 12.85 -8.92
C ILE C 94 2.91 13.70 -8.16
N PRO C 95 3.21 13.39 -6.89
CA PRO C 95 4.18 14.15 -6.13
C PRO C 95 5.63 13.82 -6.52
N MET C 96 6.48 14.83 -6.37
CA MET C 96 7.96 14.68 -6.32
C MET C 96 8.44 14.06 -7.62
N VAL C 97 8.03 14.58 -8.76
CA VAL C 97 8.54 14.08 -10.06
C VAL C 97 9.86 14.80 -10.32
N GLU C 98 10.89 14.06 -10.71
CA GLU C 98 12.27 14.63 -10.74
C GLU C 98 13.00 14.39 -12.05
N SER C 99 12.36 13.81 -13.06
CA SER C 99 13.06 13.58 -14.34
C SER C 99 12.02 13.35 -15.45
N ALA C 100 12.46 13.53 -16.69
CA ALA C 100 11.63 13.25 -17.89
C ALA C 100 11.32 11.74 -17.92
N GLU C 101 12.27 10.93 -17.50
CA GLU C 101 12.17 9.45 -17.47
C GLU C 101 11.02 9.07 -16.53
N GLN C 102 10.98 9.63 -15.33
CA GLN C 102 9.89 9.38 -14.37
C GLN C 102 8.55 9.96 -14.93
N ALA C 103 8.56 11.16 -15.50
CA ALA C 103 7.34 11.78 -16.06
C ALA C 103 6.80 10.90 -17.20
N GLU C 104 7.67 10.36 -18.04
CA GLU C 104 7.23 9.48 -19.15
C GLU C 104 6.60 8.20 -18.58
N LEU C 105 7.14 7.67 -17.49
CA LEU C 105 6.61 6.44 -16.85
C LEU C 105 5.21 6.73 -16.32
N MET C 106 5.00 7.90 -15.71
CA MET C 106 3.68 8.36 -15.22
C MET C 106 2.71 8.48 -16.40
N VAL C 107 3.14 8.97 -17.57
CA VAL C 107 2.27 9.02 -18.78
C VAL C 107 1.83 7.61 -19.13
N LYS C 108 2.78 6.67 -19.25
CA LYS C 108 2.49 5.26 -19.61
C LYS C 108 1.57 4.62 -18.58
N ALA C 109 1.80 4.91 -17.29
CA ALA C 109 1.01 4.37 -16.17
C ALA C 109 -0.47 4.76 -16.35
N THR C 110 -0.78 5.85 -17.07
CA THR C 110 -2.18 6.33 -17.27
C THR C 110 -2.76 5.86 -18.60
N ARG C 111 -2.02 5.13 -19.44
CA ARG C 111 -2.50 4.71 -20.78
C ARG C 111 -2.47 3.18 -20.92
N TYR C 112 -3.52 2.65 -21.55
CA TYR C 112 -3.64 1.20 -21.84
C TYR C 112 -2.57 0.77 -22.82
N PRO C 113 -2.15 -0.49 -22.78
CA PRO C 113 -1.31 -1.03 -23.82
C PRO C 113 -2.12 -1.01 -25.11
N PRO C 114 -1.45 -1.02 -26.28
CA PRO C 114 -0.01 -1.18 -26.38
C PRO C 114 0.83 0.10 -26.16
N GLU C 115 0.22 1.29 -26.09
CA GLU C 115 0.92 2.59 -25.90
C GLU C 115 1.43 2.74 -24.46
N GLY C 116 0.66 2.34 -23.46
CA GLY C 116 1.08 2.47 -22.04
C GLY C 116 1.13 1.15 -21.30
N ILE C 117 1.12 1.23 -19.96
CA ILE C 117 1.25 0.05 -19.06
C ILE C 117 0.11 0.02 -18.05
N ARG C 118 -0.96 0.79 -18.26
CA ARG C 118 -2.18 0.70 -17.41
C ARG C 118 -2.76 -0.71 -17.51
N GLY C 119 -2.87 -1.40 -16.37
CA GLY C 119 -3.53 -2.71 -16.30
C GLY C 119 -4.98 -2.65 -16.75
N VAL C 120 -5.41 -3.65 -17.52
CA VAL C 120 -6.75 -3.69 -18.14
C VAL C 120 -7.67 -4.52 -17.26
N GLY C 121 -8.70 -3.90 -16.66
CA GLY C 121 -9.73 -4.56 -15.85
C GLY C 121 -11.05 -3.81 -15.82
N ALA C 122 -11.58 -3.48 -17.00
CA ALA C 122 -12.79 -2.64 -17.23
C ALA C 122 -14.06 -3.26 -16.64
N ALA C 123 -14.22 -4.58 -16.65
CA ALA C 123 -15.45 -5.25 -16.14
C ALA C 123 -15.65 -4.89 -14.67
N LEU C 124 -14.56 -4.64 -13.94
CA LEU C 124 -14.55 -4.51 -12.45
C LEU C 124 -14.50 -3.04 -12.04
N ALA C 125 -14.29 -2.13 -13.00
CA ALA C 125 -13.90 -0.73 -12.68
C ALA C 125 -15.15 0.14 -12.59
N ARG C 126 -15.24 0.95 -11.54
CA ARG C 126 -16.14 2.13 -11.54
C ARG C 126 -15.77 3.05 -12.72
N ALA C 127 -14.50 3.09 -13.16
CA ALA C 127 -14.08 3.98 -14.28
C ALA C 127 -14.91 3.72 -15.56
N SER C 128 -15.23 2.47 -15.88
CA SER C 128 -16.04 2.10 -17.06
C SER C 128 -17.51 1.96 -16.68
N ARG C 129 -17.85 2.29 -15.42
CA ARG C 129 -19.13 1.95 -14.76
C ARG C 129 -19.46 0.46 -15.01
N TRP C 130 -18.48 -0.42 -14.79
CA TRP C 130 -18.61 -1.90 -14.89
C TRP C 130 -19.05 -2.28 -16.31
N ASN C 131 -18.41 -1.65 -17.29
CA ASN C 131 -18.66 -1.77 -18.76
C ASN C 131 -20.00 -1.17 -19.17
N ASN C 132 -20.67 -0.39 -18.31
CA ASN C 132 -21.88 0.34 -18.74
C ASN C 132 -21.50 1.50 -19.67
N ILE C 133 -20.24 1.98 -19.66
CA ILE C 133 -19.66 2.85 -20.70
C ILE C 133 -19.04 1.92 -21.76
N SER C 134 -19.74 1.64 -22.86
CA SER C 134 -19.53 0.43 -23.71
C SER C 134 -18.22 0.48 -24.53
N ASP C 135 -17.64 1.67 -24.76
CA ASP C 135 -16.44 1.88 -25.62
C ASP C 135 -15.27 2.36 -24.73
N TYR C 136 -15.36 2.13 -23.42
CA TYR C 136 -14.42 2.73 -22.43
C TYR C 136 -12.97 2.47 -22.87
N LEU C 137 -12.66 1.21 -23.20
CA LEU C 137 -11.25 0.81 -23.52
C LEU C 137 -10.75 1.60 -24.75
N GLN C 138 -11.62 2.08 -25.63
CA GLN C 138 -11.21 2.87 -26.83
C GLN C 138 -11.05 4.37 -26.46
N THR C 139 -11.85 4.90 -25.52
CA THR C 139 -12.04 6.36 -25.31
C THR C 139 -11.37 6.85 -24.01
N ALA C 140 -10.99 5.95 -23.10
CA ALA C 140 -10.63 6.30 -21.69
C ALA C 140 -9.57 7.42 -21.66
N ASP C 141 -8.46 7.28 -22.39
CA ASP C 141 -7.36 8.26 -22.27
C ASP C 141 -7.81 9.68 -22.66
N GLU C 142 -8.80 9.83 -23.54
CA GLU C 142 -9.30 11.17 -23.94
C GLU C 142 -9.68 11.99 -22.70
N GLN C 143 -10.14 11.35 -21.61
CA GLN C 143 -10.70 12.08 -20.43
C GLN C 143 -9.76 11.91 -19.22
N ILE C 144 -8.55 11.36 -19.41
CA ILE C 144 -7.51 11.22 -18.35
C ILE C 144 -6.58 12.44 -18.43
N CYS C 145 -6.34 13.07 -17.30
CA CYS C 145 -5.44 14.24 -17.16
C CYS C 145 -4.30 13.91 -16.19
N LEU C 146 -3.05 14.00 -16.64
CA LEU C 146 -1.85 13.75 -15.80
C LEU C 146 -1.18 15.07 -15.42
N LEU C 147 -1.08 15.31 -14.13
CA LEU C 147 -0.35 16.49 -13.59
C LEU C 147 0.85 15.94 -12.79
N VAL C 148 1.99 16.61 -12.89
CA VAL C 148 3.18 16.21 -12.07
C VAL C 148 3.62 17.39 -11.21
N GLN C 149 4.16 17.05 -10.04
CA GLN C 149 4.66 18.06 -9.09
C GLN C 149 6.16 18.23 -9.29
N VAL C 150 6.57 19.48 -9.50
CA VAL C 150 8.00 19.90 -9.37
C VAL C 150 8.16 20.61 -8.04
N GLU C 151 8.88 19.98 -7.12
CA GLU C 151 8.94 20.45 -5.70
C GLU C 151 10.25 19.99 -5.04
N SER C 152 11.32 19.87 -5.84
CA SER C 152 12.66 19.51 -5.34
C SER C 152 13.68 20.17 -6.28
N LYS C 153 14.93 20.26 -5.85
CA LYS C 153 16.04 20.80 -6.67
C LYS C 153 16.22 19.91 -7.88
N LYS C 154 16.13 18.59 -7.73
CA LYS C 154 16.29 17.71 -8.91
C LYS C 154 15.15 17.95 -9.90
N GLY C 155 13.93 18.11 -9.41
CA GLY C 155 12.82 18.53 -10.29
C GLY C 155 13.17 19.77 -11.08
N LEU C 156 13.56 20.86 -10.41
CA LEU C 156 13.95 22.14 -11.09
C LEU C 156 15.12 21.88 -12.05
N ASP C 157 16.04 20.97 -11.66
CA ASP C 157 17.22 20.62 -12.49
C ASP C 157 16.78 19.88 -13.77
N ASN C 158 15.54 19.38 -13.81
CA ASN C 158 15.04 18.56 -14.94
C ASN C 158 13.79 19.23 -15.51
N LEU C 159 13.56 20.50 -15.19
CA LEU C 159 12.28 21.18 -15.52
C LEU C 159 12.07 21.22 -17.04
N ASP C 160 13.08 21.64 -17.81
CA ASP C 160 12.92 21.80 -19.29
C ASP C 160 12.62 20.42 -19.91
N GLU C 161 13.25 19.37 -19.42
CA GLU C 161 13.08 17.99 -19.93
C GLU C 161 11.66 17.48 -19.60
N ILE C 162 11.19 17.65 -18.36
CA ILE C 162 9.80 17.27 -17.96
C ILE C 162 8.79 18.02 -18.84
N LEU C 163 9.06 19.29 -19.14
CA LEU C 163 8.10 20.14 -19.89
C LEU C 163 8.04 19.69 -21.36
N ASN C 164 8.95 18.82 -21.83
CA ASN C 164 8.91 18.30 -23.22
C ASN C 164 8.31 16.90 -23.26
N VAL C 165 7.71 16.42 -22.18
CA VAL C 165 7.13 15.06 -22.15
C VAL C 165 5.68 15.18 -22.63
N ASP C 166 5.36 14.60 -23.78
CA ASP C 166 3.97 14.55 -24.30
C ASP C 166 3.13 13.69 -23.36
N GLY C 167 2.01 14.25 -22.96
CA GLY C 167 1.05 13.57 -22.08
C GLY C 167 1.13 14.11 -20.67
N VAL C 168 2.14 14.90 -20.32
CA VAL C 168 2.09 15.71 -19.08
C VAL C 168 1.23 16.94 -19.39
N ASP C 169 0.04 17.05 -18.80
CA ASP C 169 -0.91 18.16 -19.07
C ASP C 169 -0.54 19.39 -18.24
N GLY C 170 0.02 19.18 -17.06
CA GLY C 170 0.23 20.27 -16.10
C GLY C 170 1.38 19.95 -15.16
N ILE C 171 2.08 21.00 -14.76
CA ILE C 171 3.13 20.91 -13.71
C ILE C 171 2.66 21.76 -12.53
N PHE C 172 2.65 21.14 -11.35
CA PHE C 172 2.17 21.78 -10.13
C PHE C 172 3.39 22.01 -9.25
N ILE C 173 3.54 23.21 -8.76
CA ILE C 173 4.67 23.62 -7.87
C ILE C 173 4.23 23.40 -6.43
N GLY C 174 5.01 22.65 -5.64
CA GLY C 174 4.71 22.39 -4.21
C GLY C 174 5.54 23.33 -3.33
N PRO C 175 5.01 24.47 -2.82
CA PRO C 175 5.85 25.42 -2.12
C PRO C 175 6.40 24.88 -0.79
N ALA C 176 5.72 23.97 -0.11
CA ALA C 176 6.24 23.42 1.17
C ALA C 176 7.44 22.53 0.88
N ASP C 177 7.29 21.56 -0.02
CA ASP C 177 8.40 20.63 -0.31
C ASP C 177 9.54 21.46 -0.95
N LEU C 178 9.21 22.43 -1.81
CA LEU C 178 10.27 23.13 -2.59
C LEU C 178 11.09 24.04 -1.64
N SER C 179 10.41 24.83 -0.83
CA SER C 179 11.05 25.74 0.16
C SER C 179 11.95 24.93 1.10
N ALA C 180 11.50 23.75 1.56
CA ALA C 180 12.33 22.85 2.38
C ALA C 180 13.57 22.42 1.58
N ALA C 181 13.40 22.02 0.34
CA ALA C 181 14.47 21.54 -0.55
C ALA C 181 15.51 22.65 -0.75
N LEU C 182 15.07 23.90 -0.75
CA LEU C 182 15.95 25.07 -0.97
C LEU C 182 16.58 25.57 0.35
N GLY C 183 16.37 24.91 1.49
CA GLY C 183 16.92 25.31 2.80
C GLY C 183 16.11 26.42 3.47
N TYR C 184 14.88 26.64 3.03
CA TYR C 184 13.94 27.65 3.58
C TYR C 184 12.71 26.92 4.12
N ARG C 185 12.93 25.82 4.81
CA ARG C 185 11.82 25.01 5.34
C ARG C 185 10.90 25.86 6.22
N GLY C 186 9.60 25.83 5.94
CA GLY C 186 8.59 26.61 6.68
C GLY C 186 8.57 28.07 6.28
N ASN C 187 9.32 28.49 5.27
CA ASN C 187 9.43 29.92 4.84
C ASN C 187 9.35 30.06 3.33
N PRO C 188 8.28 29.52 2.68
CA PRO C 188 8.12 29.65 1.23
C PRO C 188 7.93 31.11 0.76
N GLY C 189 7.47 32.01 1.64
CA GLY C 189 7.24 33.43 1.34
C GLY C 189 8.53 34.21 1.11
N HIS C 190 9.70 33.68 1.45
CA HIS C 190 11.02 34.30 1.16
C HIS C 190 11.21 34.61 -0.34
N GLU C 191 11.75 35.78 -0.64
CA GLU C 191 12.04 36.26 -2.01
C GLU C 191 12.83 35.21 -2.83
N PHE C 192 13.83 34.56 -2.26
CA PHE C 192 14.67 33.57 -2.99
C PHE C 192 13.75 32.47 -3.55
N VAL C 193 12.85 31.97 -2.70
CA VAL C 193 11.86 30.93 -3.11
C VAL C 193 10.86 31.51 -4.11
N GLN C 194 10.28 32.66 -3.81
CA GLN C 194 9.23 33.23 -4.69
C GLN C 194 9.76 33.50 -6.09
N ASN C 195 11.01 33.95 -6.24
CA ASN C 195 11.58 34.31 -7.56
C ASN C 195 11.69 33.02 -8.37
N ILE C 196 12.13 31.93 -7.75
CA ILE C 196 12.21 30.60 -8.43
C ILE C 196 10.79 30.15 -8.81
N ILE C 197 9.82 30.34 -7.93
CA ILE C 197 8.42 29.90 -8.21
C ILE C 197 7.90 30.65 -9.44
N VAL C 198 8.06 31.99 -9.47
CA VAL C 198 7.55 32.83 -10.58
C VAL C 198 8.24 32.40 -11.86
N GLN C 199 9.56 32.27 -11.86
CA GLN C 199 10.29 31.89 -13.08
C GLN C 199 9.78 30.53 -13.57
N THR C 200 9.49 29.60 -12.65
CA THR C 200 9.07 28.20 -12.97
C THR C 200 7.71 28.25 -13.65
N ILE C 201 6.79 29.04 -13.10
CA ILE C 201 5.42 29.22 -13.66
C ILE C 201 5.58 29.76 -15.10
N GLN C 202 6.40 30.81 -15.29
CA GLN C 202 6.63 31.42 -16.63
C GLN C 202 7.16 30.35 -17.59
N LYS C 203 8.08 29.48 -17.18
CA LYS C 203 8.66 28.46 -18.09
C LYS C 203 7.60 27.40 -18.41
N ILE C 204 6.78 27.02 -17.42
CA ILE C 204 5.71 26.00 -17.64
C ILE C 204 4.76 26.53 -18.73
N ARG C 205 4.25 27.74 -18.57
CA ARG C 205 3.30 28.34 -19.54
C ARG C 205 4.00 28.56 -20.89
N ALA C 206 5.28 28.90 -20.93
CA ALA C 206 6.01 29.15 -22.21
C ALA C 206 6.11 27.84 -22.98
N ALA C 207 6.17 26.70 -22.31
CA ALA C 207 6.21 25.38 -23.00
C ALA C 207 4.79 24.91 -23.36
N GLY C 208 3.77 25.71 -23.10
CA GLY C 208 2.39 25.37 -23.49
C GLY C 208 1.75 24.37 -22.54
N LYS C 209 2.28 24.20 -21.31
CA LYS C 209 1.63 23.32 -20.30
C LYS C 209 0.91 24.18 -19.28
N ALA C 210 -0.10 23.62 -18.62
CA ALA C 210 -0.77 24.28 -17.49
C ALA C 210 0.17 24.32 -16.27
N ALA C 211 0.17 25.45 -15.56
CA ALA C 211 0.93 25.66 -14.31
C ALA C 211 -0.08 25.62 -13.18
N GLY C 212 0.30 25.03 -12.06
CA GLY C 212 -0.55 24.95 -10.86
C GLY C 212 0.25 25.20 -9.61
N ILE C 213 -0.45 25.49 -8.52
CA ILE C 213 0.18 25.78 -7.23
C ILE C 213 -0.91 25.78 -6.15
N LEU C 214 -0.49 25.61 -4.91
CA LEU C 214 -1.32 25.76 -3.68
C LEU C 214 -0.68 26.90 -2.88
N SER C 215 -1.49 27.87 -2.50
CA SER C 215 -1.11 28.82 -1.43
C SER C 215 -2.36 29.23 -0.67
N ALA C 216 -2.32 29.01 0.63
CA ALA C 216 -3.31 29.52 1.59
C ALA C 216 -3.09 31.02 1.85
N ASP C 217 -2.03 31.62 1.33
CA ASP C 217 -1.82 33.09 1.40
C ASP C 217 -2.60 33.74 0.25
N GLU C 218 -3.63 34.51 0.59
CA GLU C 218 -4.51 35.15 -0.42
C GLU C 218 -3.68 36.04 -1.36
N LYS C 219 -2.74 36.81 -0.82
CA LYS C 219 -1.99 37.76 -1.68
C LYS C 219 -1.15 36.94 -2.67
N LEU C 220 -0.44 35.91 -2.20
CA LEU C 220 0.35 35.04 -3.10
C LEU C 220 -0.58 34.35 -4.13
N ALA C 221 -1.71 33.77 -3.71
CA ALA C 221 -2.64 33.11 -4.67
C ALA C 221 -3.13 34.09 -5.75
N LYS C 222 -3.51 35.30 -5.36
CA LYS C 222 -3.89 36.35 -6.36
C LYS C 222 -2.74 36.71 -7.32
N GLN C 223 -1.52 36.83 -6.81
CA GLN C 223 -0.32 37.09 -7.67
C GLN C 223 -0.15 35.94 -8.64
N TYR C 224 -0.34 34.69 -8.18
CA TYR C 224 -0.13 33.53 -9.08
C TYR C 224 -1.22 33.57 -10.17
N LEU C 225 -2.45 33.89 -9.78
CA LEU C 225 -3.56 34.08 -10.75
C LEU C 225 -3.20 35.20 -11.74
N GLU C 226 -2.59 36.29 -11.26
CA GLU C 226 -2.25 37.44 -12.15
C GLU C 226 -1.20 36.98 -13.17
N LEU C 227 -0.29 36.07 -12.78
CA LEU C 227 0.75 35.54 -13.71
C LEU C 227 0.14 34.59 -14.75
N GLY C 228 -1.12 34.15 -14.60
CA GLY C 228 -1.81 33.32 -15.60
C GLY C 228 -1.83 31.87 -15.18
N THR C 229 -1.47 31.56 -13.95
CA THR C 229 -1.43 30.16 -13.44
C THR C 229 -2.82 29.52 -13.62
N GLU C 230 -2.88 28.36 -14.25
CA GLU C 230 -4.15 27.76 -14.75
C GLU C 230 -4.94 27.10 -13.61
N PHE C 231 -4.30 26.47 -12.61
CA PHE C 231 -4.99 25.74 -11.50
C PHE C 231 -4.31 26.12 -10.18
N VAL C 232 -5.01 26.92 -9.38
CA VAL C 232 -4.57 27.46 -8.07
C VAL C 232 -5.50 26.94 -6.97
N ALA C 233 -4.97 26.14 -6.06
CA ALA C 233 -5.65 25.76 -4.81
C ALA C 233 -5.40 26.89 -3.82
N VAL C 234 -6.42 27.31 -3.09
CA VAL C 234 -6.38 28.59 -2.33
C VAL C 234 -6.56 28.30 -0.84
N GLY C 235 -6.68 27.04 -0.49
CA GLY C 235 -6.88 26.64 0.92
C GLY C 235 -6.98 25.13 1.10
N VAL C 236 -7.09 24.74 2.35
CA VAL C 236 -7.01 23.33 2.82
C VAL C 236 -8.13 23.16 3.84
N ASP C 237 -8.91 22.10 3.73
CA ASP C 237 -10.10 21.91 4.59
C ASP C 237 -9.64 21.75 6.06
N THR C 238 -8.62 20.94 6.37
CA THR C 238 -8.19 20.78 7.78
C THR C 238 -7.81 22.14 8.36
N SER C 239 -7.08 22.98 7.59
CA SER C 239 -6.61 24.33 8.01
C SER C 239 -7.79 25.26 8.26
N LEU C 240 -8.75 25.30 7.34
CA LEU C 240 -9.95 26.15 7.50
C LEU C 240 -10.78 25.68 8.69
N LEU C 241 -10.88 24.37 8.95
CA LEU C 241 -11.66 23.86 10.12
C LEU C 241 -10.96 24.34 11.39
N MET C 242 -9.65 24.12 11.51
CA MET C 242 -8.92 24.45 12.75
C MET C 242 -8.96 25.97 12.94
N LYS C 243 -8.67 26.75 11.90
CA LYS C 243 -8.57 28.23 12.06
C LYS C 243 -9.96 28.81 12.42
N SER C 244 -11.02 28.36 11.77
CA SER C 244 -12.38 28.91 12.04
C SER C 244 -12.77 28.58 13.49
N MET C 245 -12.45 27.39 14.00
CA MET C 245 -12.81 27.01 15.38
C MET C 245 -11.95 27.80 16.37
N LYS C 246 -10.68 28.06 16.06
CA LYS C 246 -9.79 28.85 16.97
C LYS C 246 -10.29 30.30 17.00
N GLN C 247 -10.59 30.87 15.83
CA GLN C 247 -11.01 32.29 15.68
C GLN C 247 -12.30 32.49 16.47
N LEU C 248 -13.24 31.53 16.41
CA LEU C 248 -14.51 31.60 17.15
C LEU C 248 -14.22 31.55 18.65
N LEU C 249 -13.39 30.60 19.11
CA LEU C 249 -13.15 30.47 20.57
C LEU C 249 -12.54 31.77 21.11
N SER C 250 -11.64 32.40 20.36
CA SER C 250 -10.91 33.63 20.79
C SER C 250 -11.89 34.79 21.03
N LYS C 251 -13.11 34.78 20.49
CA LYS C 251 -14.15 35.81 20.74
C LYS C 251 -14.74 35.66 22.14
N PHE C 252 -14.48 34.53 22.80
CA PHE C 252 -15.04 34.23 24.13
C PHE C 252 -13.94 33.83 25.12
N LYS C 253 -12.69 33.60 24.68
CA LYS C 253 -11.61 32.81 25.33
C LYS C 253 -12.19 31.97 26.48
#